data_3JUJ
#
_entry.id   3JUJ
#
_cell.length_a   91.466
_cell.length_b   98.614
_cell.length_c   245.700
_cell.angle_alpha   90.00
_cell.angle_beta   90.00
_cell.angle_gamma   90.00
#
_symmetry.space_group_name_H-M   'P 21 21 21'
#
loop_
_entity.id
_entity.type
_entity.pdbx_description
1 polymer 'UDP-glucose pyrophosphorylase (GalU)'
2 water water
#
_entity_poly.entity_id   1
_entity_poly.type   'polypeptide(L)'
_entity_poly.pdbx_seq_one_letter_code
;MIKKCLFPAAGYGTRFLPITKTIPKEMLPIVDKPLIQYAVEEAMEAGCEVMAIVTGRNKRSLEDYFDTSYEIEHQIQGTN
KENALKSIRNIIEKCCFSYVRQKQMKGLGHAILTGEALIGNEPFAVILADDLCISHDHPSVLKQMTSLYQKYQCSIVAIE
EVALEEVSKYGVIRGEWLEEGVYEIKDMVEKPNQEDAPSNLAVIGRYILTPDIFEILSETKPGKNNEIQITDALRTQAKR
KRIIAYQFKGKRYDCGSVEGYIEASNAYYKKRLLEHHHHHH
;
_entity_poly.pdbx_strand_id   A,B,C,D
#
# COMPACT_ATOMS: atom_id res chain seq x y z
N MET A 1 9.00 19.81 30.48
CA MET A 1 9.33 19.84 29.03
C MET A 1 8.22 19.23 28.15
N ILE A 2 7.99 19.86 27.01
CA ILE A 2 6.98 19.41 26.05
C ILE A 2 7.44 18.05 25.53
N LYS A 3 6.60 17.04 25.67
CA LYS A 3 6.98 15.70 25.22
C LYS A 3 6.47 15.28 23.85
N LYS A 4 5.28 15.74 23.47
CA LYS A 4 4.69 15.37 22.19
C LYS A 4 4.57 16.54 21.22
N CYS A 5 4.69 16.24 19.92
CA CYS A 5 4.55 17.24 18.87
C CYS A 5 3.56 16.74 17.86
N LEU A 6 2.54 17.52 17.55
CA LEU A 6 1.54 17.12 16.59
C LEU A 6 2.00 17.50 15.21
N PHE A 7 1.71 16.67 14.22
CA PHE A 7 2.08 16.93 12.83
C PHE A 7 0.88 16.76 11.90
N PRO A 8 0.20 17.87 11.58
CA PRO A 8 -0.97 17.83 10.68
C PRO A 8 -0.46 17.49 9.31
N ALA A 9 -0.92 16.36 8.77
CA ALA A 9 -0.46 15.94 7.46
C ALA A 9 -1.58 15.33 6.63
N ALA A 10 -2.78 15.89 6.75
CA ALA A 10 -3.92 15.39 5.98
C ALA A 10 -4.12 16.31 4.77
N GLY A 11 -3.48 17.49 4.83
CA GLY A 11 -3.58 18.47 3.76
C GLY A 11 -3.59 17.83 2.39
N TYR A 12 -4.47 18.34 1.53
CA TYR A 12 -4.62 17.83 0.17
C TYR A 12 -3.52 18.22 -0.82
N GLY A 13 -2.54 19.00 -0.38
CA GLY A 13 -1.46 19.40 -1.26
C GLY A 13 -1.98 19.79 -2.64
N THR A 14 -3.06 20.55 -2.65
CA THR A 14 -3.67 20.98 -3.89
C THR A 14 -2.75 21.70 -4.87
N ARG A 15 -1.93 22.62 -4.37
CA ARG A 15 -1.03 23.36 -5.25
C ARG A 15 0.07 22.49 -5.85
N PHE A 16 0.11 21.22 -5.46
CA PHE A 16 1.11 20.30 -5.98
C PHE A 16 0.56 19.08 -6.72
N LEU A 17 -0.68 19.14 -7.20
CA LEU A 17 -1.22 18.02 -7.99
C LEU A 17 -0.45 18.14 -9.30
N PRO A 18 -0.38 17.06 -10.07
CA PRO A 18 -0.97 15.74 -9.84
C PRO A 18 -0.19 14.78 -8.95
N ILE A 19 1.12 14.99 -8.79
CA ILE A 19 1.92 14.09 -7.97
C ILE A 19 1.37 13.91 -6.58
N THR A 20 0.56 14.86 -6.16
CA THR A 20 -0.01 14.81 -4.84
C THR A 20 -1.25 13.91 -4.73
N LYS A 21 -1.69 13.37 -5.86
CA LYS A 21 -2.83 12.46 -5.85
C LYS A 21 -2.31 11.14 -5.28
N THR A 22 -0.99 10.94 -5.35
CA THR A 22 -0.37 9.72 -4.87
C THR A 22 0.65 9.95 -3.76
N ILE A 23 1.61 10.85 -4.00
CA ILE A 23 2.63 11.12 -2.99
C ILE A 23 2.14 12.21 -2.02
N PRO A 24 2.08 11.89 -0.72
CA PRO A 24 1.61 12.89 0.23
C PRO A 24 2.53 14.10 0.18
N LYS A 25 1.93 15.28 0.34
CA LYS A 25 2.67 16.53 0.29
C LYS A 25 3.84 16.55 1.23
N GLU A 26 3.61 16.12 2.47
CA GLU A 26 4.65 16.09 3.49
C GLU A 26 5.84 15.23 3.11
N MET A 27 5.71 14.44 2.05
CA MET A 27 6.79 13.58 1.63
C MET A 27 7.55 14.04 0.38
N LEU A 28 7.22 15.22 -0.15
CA LEU A 28 7.96 15.72 -1.31
C LEU A 28 9.35 15.99 -0.82
N PRO A 29 10.37 15.69 -1.65
CA PRO A 29 11.77 15.90 -1.29
C PRO A 29 12.29 17.30 -1.44
N ILE A 30 13.18 17.71 -0.54
CA ILE A 30 13.80 19.00 -0.69
C ILE A 30 14.95 18.61 -1.62
N VAL A 31 15.99 18.03 -1.02
CA VAL A 31 17.12 17.59 -1.81
C VAL A 31 16.95 16.08 -1.91
N ASP A 32 17.31 15.42 -0.81
CA ASP A 32 17.26 13.99 -0.70
C ASP A 32 16.41 13.50 0.47
N LYS A 33 15.65 14.40 1.09
CA LYS A 33 14.76 14.01 2.17
C LYS A 33 13.42 14.73 2.12
N PRO A 34 12.36 14.09 2.63
CA PRO A 34 11.01 14.65 2.65
C PRO A 34 10.84 15.86 3.57
N LEU A 35 9.90 16.73 3.24
CA LEU A 35 9.66 17.90 4.08
C LEU A 35 9.47 17.47 5.52
N ILE A 36 8.77 16.35 5.72
CA ILE A 36 8.48 15.84 7.05
C ILE A 36 9.71 15.48 7.88
N GLN A 37 10.80 15.10 7.23
CA GLN A 37 11.97 14.75 8.02
C GLN A 37 12.47 15.96 8.78
N TYR A 38 12.67 17.06 8.06
CA TYR A 38 13.13 18.30 8.67
C TYR A 38 12.24 18.67 9.86
N ALA A 39 10.95 18.41 9.72
CA ALA A 39 10.01 18.71 10.77
C ALA A 39 10.33 17.91 12.01
N VAL A 40 10.30 16.59 11.87
CA VAL A 40 10.58 15.70 12.98
C VAL A 40 11.98 15.93 13.55
N GLU A 41 12.94 16.18 12.68
CA GLU A 41 14.28 16.44 13.14
C GLU A 41 14.23 17.66 14.04
N GLU A 42 13.41 18.64 13.66
CA GLU A 42 13.29 19.86 14.44
C GLU A 42 12.62 19.65 15.79
N ALA A 43 11.57 18.84 15.81
CA ALA A 43 10.84 18.57 17.03
C ALA A 43 11.74 17.78 17.97
N MET A 44 12.47 16.81 17.40
CA MET A 44 13.39 15.97 18.17
C MET A 44 14.45 16.84 18.84
N GLU A 45 14.94 17.81 18.09
CA GLU A 45 15.96 18.73 18.60
C GLU A 45 15.45 19.66 19.70
N ALA A 46 14.13 19.64 19.94
CA ALA A 46 13.54 20.49 20.97
C ALA A 46 13.07 19.62 22.13
N GLY A 47 13.62 18.41 22.19
CA GLY A 47 13.28 17.50 23.26
C GLY A 47 12.04 16.66 23.09
N CYS A 48 11.29 16.85 22.01
CA CYS A 48 10.08 16.05 21.83
C CYS A 48 10.40 14.57 21.64
N GLU A 49 9.61 13.70 22.25
CA GLU A 49 9.84 12.27 22.15
C GLU A 49 8.75 11.60 21.33
N VAL A 50 7.55 12.14 21.38
CA VAL A 50 6.48 11.54 20.60
C VAL A 50 6.25 12.39 19.37
N MET A 51 6.02 11.71 18.25
CA MET A 51 5.72 12.37 17.00
C MET A 51 4.32 11.88 16.62
N ALA A 52 3.33 12.68 17.00
CA ALA A 52 1.94 12.37 16.70
C ALA A 52 1.63 12.99 15.35
N ILE A 53 1.43 12.14 14.35
CA ILE A 53 1.16 12.60 12.99
C ILE A 53 -0.27 12.33 12.55
N VAL A 54 -0.94 13.39 12.12
CA VAL A 54 -2.32 13.29 11.64
C VAL A 54 -2.22 13.05 10.15
N THR A 55 -2.83 11.98 9.66
CA THR A 55 -2.72 11.68 8.25
C THR A 55 -4.05 11.54 7.50
N GLY A 56 -3.95 11.61 6.17
CA GLY A 56 -5.12 11.49 5.32
C GLY A 56 -5.18 10.11 4.69
N ARG A 57 -5.53 10.04 3.41
CA ARG A 57 -5.61 8.75 2.73
C ARG A 57 -4.23 8.27 2.31
N ASN A 58 -3.49 9.12 1.59
CA ASN A 58 -2.14 8.77 1.16
C ASN A 58 -1.24 8.99 2.36
N LYS A 59 -0.95 7.91 3.08
CA LYS A 59 -0.11 8.01 4.27
C LYS A 59 0.76 6.78 4.45
N ARG A 60 0.60 5.82 3.55
CA ARG A 60 1.39 4.61 3.62
C ARG A 60 2.87 4.96 3.56
N SER A 61 3.24 5.80 2.60
CA SER A 61 4.63 6.22 2.43
C SER A 61 5.15 7.02 3.59
N LEU A 62 4.26 7.72 4.28
CA LEU A 62 4.63 8.54 5.42
C LEU A 62 4.91 7.65 6.63
N GLU A 63 4.15 6.57 6.76
CA GLU A 63 4.32 5.65 7.88
C GLU A 63 5.58 4.82 7.66
N ASP A 64 5.78 4.42 6.40
CA ASP A 64 6.93 3.62 6.00
C ASP A 64 8.27 4.34 6.15
N TYR A 65 8.28 5.64 5.92
CA TYR A 65 9.53 6.37 6.02
C TYR A 65 10.16 6.26 7.39
N PHE A 66 9.34 6.39 8.43
CA PHE A 66 9.85 6.31 9.80
C PHE A 66 9.80 4.88 10.32
N ASP A 67 9.59 3.94 9.41
CA ASP A 67 9.58 2.53 9.76
C ASP A 67 10.99 2.05 9.44
N THR A 68 11.52 1.15 10.26
CA THR A 68 12.87 0.64 10.02
C THR A 68 12.89 -0.44 8.94
N SER A 69 13.62 -0.17 7.85
CA SER A 69 13.72 -1.12 6.74
C SER A 69 14.96 -1.99 6.84
N TYR A 70 14.78 -3.28 7.10
CA TYR A 70 15.89 -4.23 7.22
C TYR A 70 16.46 -4.62 5.85
N GLU A 71 15.80 -4.19 4.78
CA GLU A 71 16.24 -4.50 3.43
C GLU A 71 17.37 -3.59 2.96
N ILE A 72 17.07 -2.31 2.82
CA ILE A 72 18.08 -1.36 2.37
C ILE A 72 19.19 -1.20 3.40
N GLU A 73 18.96 -1.72 4.60
CA GLU A 73 19.98 -1.66 5.65
C GLU A 73 21.14 -2.56 5.27
N HIS A 74 20.82 -3.74 4.75
CA HIS A 74 21.85 -4.67 4.34
C HIS A 74 22.59 -4.03 3.17
N GLN A 75 21.85 -3.76 2.09
CA GLN A 75 22.42 -3.12 0.90
C GLN A 75 23.53 -2.17 1.32
N ILE A 76 23.13 -1.19 2.11
CA ILE A 76 24.02 -0.16 2.64
C ILE A 76 25.31 -0.69 3.26
N GLN A 77 25.17 -1.54 4.27
CA GLN A 77 26.30 -2.13 4.99
C GLN A 77 27.48 -2.56 4.11
N GLY A 78 28.63 -1.95 4.36
CA GLY A 78 29.82 -2.26 3.59
C GLY A 78 30.00 -1.28 2.43
N THR A 79 28.87 -0.91 1.83
CA THR A 79 28.84 0.00 0.71
C THR A 79 29.40 1.38 1.08
N ASN A 80 29.85 2.12 0.07
CA ASN A 80 30.39 3.45 0.28
C ASN A 80 29.30 4.45 0.66
N LYS A 81 28.07 3.98 0.74
CA LYS A 81 26.92 4.81 1.08
C LYS A 81 26.28 4.35 2.39
N GLU A 82 27.04 3.63 3.20
CA GLU A 82 26.54 3.14 4.47
C GLU A 82 26.36 4.28 5.48
N ASN A 83 26.13 5.48 4.97
CA ASN A 83 25.95 6.66 5.81
C ASN A 83 24.87 7.62 5.34
N ALA A 84 24.09 7.22 4.34
CA ALA A 84 23.04 8.11 3.85
C ALA A 84 21.80 7.94 4.72
N LEU A 85 21.77 6.86 5.48
CA LEU A 85 20.63 6.58 6.35
C LEU A 85 20.94 6.95 7.80
N LYS A 86 22.04 7.63 8.02
CA LYS A 86 22.42 8.01 9.37
C LYS A 86 21.39 8.99 9.95
N SER A 87 21.04 10.01 9.17
CA SER A 87 20.07 11.03 9.57
C SER A 87 18.73 10.45 9.97
N ILE A 88 18.17 9.63 9.09
CA ILE A 88 16.87 9.04 9.38
C ILE A 88 16.96 7.96 10.45
N ARG A 89 18.10 7.28 10.52
CA ARG A 89 18.31 6.23 11.52
C ARG A 89 18.23 6.85 12.90
N ASN A 90 19.01 7.91 13.10
CA ASN A 90 19.03 8.61 14.38
C ASN A 90 17.59 8.89 14.80
N ILE A 91 16.83 9.56 13.93
CA ILE A 91 15.45 9.89 14.23
C ILE A 91 14.64 8.67 14.69
N ILE A 92 14.59 7.66 13.84
CA ILE A 92 13.86 6.45 14.14
C ILE A 92 14.25 5.85 15.49
N GLU A 93 15.52 5.97 15.84
CA GLU A 93 15.97 5.39 17.08
C GLU A 93 15.71 6.25 18.31
N LYS A 94 15.47 7.54 18.14
CA LYS A 94 15.21 8.39 19.30
C LYS A 94 13.81 9.00 19.33
N CYS A 95 12.90 8.47 18.51
CA CYS A 95 11.54 8.99 18.47
C CYS A 95 10.48 7.90 18.41
N CYS A 96 9.32 8.22 18.98
CA CYS A 96 8.15 7.33 19.01
C CYS A 96 7.15 7.91 18.01
N PHE A 97 6.49 7.07 17.22
CA PHE A 97 5.53 7.59 16.24
C PHE A 97 4.12 7.04 16.35
N SER A 98 3.16 7.92 16.58
CA SER A 98 1.77 7.49 16.63
C SER A 98 1.05 8.20 15.50
N TYR A 99 0.04 7.55 14.94
CA TYR A 99 -0.71 8.13 13.82
C TYR A 99 -2.22 8.13 14.04
N VAL A 100 -2.88 9.20 13.63
CA VAL A 100 -4.33 9.28 13.77
C VAL A 100 -4.87 9.63 12.40
N ARG A 101 -5.90 8.92 11.99
CA ARG A 101 -6.50 9.12 10.67
C ARG A 101 -7.59 10.17 10.67
N GLN A 102 -7.38 11.23 9.88
CA GLN A 102 -8.35 12.30 9.77
C GLN A 102 -9.28 11.98 8.59
N LYS A 103 -10.58 11.87 8.88
CA LYS A 103 -11.56 11.54 7.86
C LYS A 103 -11.62 12.53 6.69
N GLN A 104 -11.83 13.81 6.98
CA GLN A 104 -11.89 14.83 5.93
C GLN A 104 -11.07 16.07 6.29
N MET A 105 -10.33 16.59 5.31
CA MET A 105 -9.49 17.78 5.55
C MET A 105 -10.37 19.03 5.64
N LYS A 106 -10.58 19.49 6.87
CA LYS A 106 -11.38 20.67 7.12
C LYS A 106 -10.54 21.73 7.84
N GLY A 107 -9.26 21.81 7.50
CA GLY A 107 -8.39 22.79 8.11
C GLY A 107 -7.55 22.37 9.31
N LEU A 108 -6.73 23.30 9.79
CA LEU A 108 -5.83 23.09 10.92
C LEU A 108 -6.54 22.96 12.25
N GLY A 109 -7.64 23.69 12.42
CA GLY A 109 -8.37 23.60 13.67
C GLY A 109 -8.81 22.18 13.87
N HIS A 110 -9.59 21.68 12.92
CA HIS A 110 -10.08 20.32 12.98
C HIS A 110 -8.90 19.37 13.19
N ALA A 111 -7.87 19.50 12.36
CA ALA A 111 -6.68 18.66 12.45
C ALA A 111 -6.18 18.51 13.87
N ILE A 112 -5.95 19.63 14.54
CA ILE A 112 -5.48 19.62 15.91
C ILE A 112 -6.53 18.95 16.79
N LEU A 113 -7.81 19.23 16.56
CA LEU A 113 -8.85 18.59 17.35
C LEU A 113 -8.66 17.08 17.23
N THR A 114 -8.62 16.59 16.00
CA THR A 114 -8.46 15.16 15.76
C THR A 114 -7.30 14.61 16.56
N GLY A 115 -6.19 15.32 16.56
CA GLY A 115 -5.02 14.88 17.28
C GLY A 115 -5.19 14.78 18.78
N GLU A 116 -6.34 15.19 19.31
CA GLU A 116 -6.52 15.12 20.75
C GLU A 116 -6.34 13.67 21.18
N ALA A 117 -6.69 12.73 20.29
CA ALA A 117 -6.58 11.32 20.59
C ALA A 117 -5.17 10.80 20.76
N LEU A 118 -4.18 11.58 20.35
CA LEU A 118 -2.77 11.18 20.46
C LEU A 118 -2.01 11.98 21.50
N ILE A 119 -2.42 13.24 21.69
CA ILE A 119 -1.75 14.11 22.65
C ILE A 119 -2.28 13.97 24.06
N GLY A 120 -3.59 13.98 24.21
CA GLY A 120 -4.15 13.87 25.54
C GLY A 120 -4.14 15.22 26.22
N ASN A 121 -4.45 15.25 27.50
CA ASN A 121 -4.47 16.52 28.20
C ASN A 121 -3.11 16.97 28.73
N GLU A 122 -2.34 17.60 27.86
CA GLU A 122 -1.02 18.11 28.24
C GLU A 122 -0.55 19.09 27.17
N PRO A 123 0.34 20.02 27.52
CA PRO A 123 0.83 20.96 26.51
C PRO A 123 1.57 20.24 25.40
N PHE A 124 1.46 20.76 24.18
CA PHE A 124 2.11 20.12 23.04
C PHE A 124 2.51 21.09 21.95
N ALA A 125 3.45 20.66 21.12
CA ALA A 125 3.92 21.47 20.02
C ALA A 125 3.17 21.03 18.77
N VAL A 126 3.28 21.84 17.72
CA VAL A 126 2.63 21.55 16.44
C VAL A 126 3.57 22.10 15.39
N ILE A 127 3.85 21.30 14.37
CA ILE A 127 4.75 21.72 13.30
C ILE A 127 4.15 21.42 11.94
N LEU A 128 4.06 22.43 11.10
CA LEU A 128 3.53 22.24 9.76
C LEU A 128 4.74 22.09 8.85
N ALA A 129 4.99 20.86 8.41
CA ALA A 129 6.12 20.57 7.55
C ALA A 129 6.23 21.47 6.34
N ASP A 130 5.10 21.99 5.84
CA ASP A 130 5.12 22.88 4.68
C ASP A 130 5.98 24.10 4.95
N ASP A 131 6.15 24.44 6.23
CA ASP A 131 6.96 25.58 6.64
C ASP A 131 8.34 25.09 7.07
N LEU A 132 9.27 25.04 6.12
CA LEU A 132 10.63 24.58 6.37
C LEU A 132 11.46 25.67 7.03
N CYS A 133 11.92 25.41 8.25
CA CYS A 133 12.71 26.39 8.99
C CYS A 133 14.12 25.90 9.24
N ILE A 134 15.08 26.77 8.95
CA ILE A 134 16.49 26.47 9.14
C ILE A 134 17.07 27.66 9.88
N SER A 135 18.01 27.41 10.79
CA SER A 135 18.58 28.49 11.59
C SER A 135 20.09 28.75 11.47
N HIS A 136 20.43 29.98 11.14
CA HIS A 136 21.83 30.40 11.03
C HIS A 136 22.50 30.14 12.38
N ASP A 137 23.03 28.93 12.56
CA ASP A 137 23.66 28.54 13.82
C ASP A 137 22.88 29.04 15.05
N HIS A 138 21.63 28.61 15.14
CA HIS A 138 20.73 28.94 16.25
C HIS A 138 19.94 27.69 16.59
N PRO A 139 19.41 27.59 17.81
CA PRO A 139 18.65 26.38 18.12
C PRO A 139 17.43 26.33 17.19
N SER A 140 17.03 25.13 16.79
CA SER A 140 15.88 25.01 15.90
C SER A 140 14.73 25.87 16.39
N VAL A 141 13.94 26.39 15.45
CA VAL A 141 12.82 27.26 15.78
C VAL A 141 11.89 26.69 16.85
N LEU A 142 11.48 25.44 16.67
CA LEU A 142 10.59 24.80 17.65
C LEU A 142 11.28 24.67 19.00
N LYS A 143 12.62 24.69 19.00
CA LYS A 143 13.37 24.60 20.25
C LYS A 143 13.37 25.95 20.93
N GLN A 144 13.59 26.99 20.13
CA GLN A 144 13.60 28.34 20.66
C GLN A 144 12.27 28.57 21.40
N MET A 145 11.23 27.84 20.98
CA MET A 145 9.92 27.98 21.58
C MET A 145 9.68 27.13 22.83
N THR A 146 10.21 25.91 22.87
CA THR A 146 10.02 25.07 24.05
C THR A 146 10.76 25.68 25.22
N SER A 147 11.90 26.29 24.92
CA SER A 147 12.69 26.97 25.93
C SER A 147 11.86 28.14 26.45
N LEU A 148 11.47 29.02 25.53
CA LEU A 148 10.66 30.19 25.82
C LEU A 148 9.41 29.78 26.61
N TYR A 149 8.91 28.58 26.34
CA TYR A 149 7.73 28.07 27.05
C TYR A 149 8.06 27.80 28.50
N GLN A 150 9.20 27.15 28.74
CA GLN A 150 9.60 26.82 30.10
C GLN A 150 9.30 28.02 31.01
N LYS A 151 9.55 29.23 30.49
CA LYS A 151 9.32 30.46 31.24
C LYS A 151 7.87 30.97 31.21
N TYR A 152 7.36 31.28 30.02
CA TYR A 152 6.01 31.82 29.90
C TYR A 152 4.84 30.88 30.18
N GLN A 153 5.13 29.59 30.34
CA GLN A 153 4.11 28.59 30.62
C GLN A 153 2.77 28.86 29.97
N CYS A 154 2.75 29.02 28.65
CA CYS A 154 1.50 29.27 27.93
C CYS A 154 1.69 29.03 26.44
N SER A 155 0.59 29.09 25.70
CA SER A 155 0.65 28.88 24.27
C SER A 155 1.59 29.90 23.64
N ILE A 156 2.43 29.44 22.72
CA ILE A 156 3.36 30.30 21.99
C ILE A 156 3.18 30.06 20.49
N VAL A 157 2.74 31.09 19.76
CA VAL A 157 2.56 30.99 18.32
C VAL A 157 3.66 31.78 17.64
N ALA A 158 4.53 31.08 16.91
CA ALA A 158 5.65 31.71 16.20
C ALA A 158 5.21 32.69 15.12
N ILE A 159 5.96 33.80 15.00
CA ILE A 159 5.68 34.83 13.99
C ILE A 159 6.91 35.28 13.19
N GLU A 160 6.65 35.89 12.04
CA GLU A 160 7.71 36.35 11.17
C GLU A 160 7.31 37.70 10.55
N GLU A 161 8.28 38.60 10.39
CA GLU A 161 8.02 39.91 9.77
C GLU A 161 7.87 39.65 8.28
N VAL A 162 6.74 40.00 7.69
CA VAL A 162 6.60 39.75 6.26
C VAL A 162 6.25 40.98 5.44
N ALA A 163 6.40 40.85 4.13
CA ALA A 163 6.07 41.93 3.24
C ALA A 163 4.57 42.13 3.40
N LEU A 164 4.10 43.35 3.19
CA LEU A 164 2.69 43.64 3.35
C LEU A 164 1.79 42.90 2.39
N GLU A 165 2.32 42.50 1.25
CA GLU A 165 1.50 41.76 0.30
C GLU A 165 1.21 40.37 0.82
N GLU A 166 2.17 39.79 1.53
CA GLU A 166 2.02 38.45 2.07
C GLU A 166 0.93 38.31 3.13
N VAL A 167 0.68 39.39 3.84
CA VAL A 167 -0.34 39.43 4.89
C VAL A 167 -1.64 38.71 4.53
N SER A 168 -2.19 39.06 3.37
CA SER A 168 -3.44 38.50 2.89
C SER A 168 -3.55 36.98 2.92
N LYS A 169 -2.53 36.29 3.41
CA LYS A 169 -2.61 34.85 3.43
C LYS A 169 -2.08 34.15 4.66
N TYR A 170 -1.90 34.91 5.74
CA TYR A 170 -1.41 34.33 6.98
C TYR A 170 -2.26 34.88 8.09
N GLY A 171 -2.10 34.31 9.28
CA GLY A 171 -2.82 34.81 10.42
C GLY A 171 -1.83 35.85 10.89
N VAL A 172 -2.30 37.07 11.14
CA VAL A 172 -1.42 38.14 11.59
C VAL A 172 -1.68 38.53 13.04
N ILE A 173 -0.61 38.87 13.74
CA ILE A 173 -0.67 39.24 15.15
C ILE A 173 -0.82 40.74 15.36
N ARG A 174 -1.14 41.09 16.60
CA ARG A 174 -1.27 42.47 17.05
C ARG A 174 -1.20 42.28 18.56
N GLY A 175 -0.01 42.46 19.12
CA GLY A 175 0.16 42.28 20.55
C GLY A 175 1.05 43.28 21.24
N GLU A 176 1.01 43.27 22.57
CA GLU A 176 1.80 44.18 23.40
C GLU A 176 3.23 43.68 23.49
N TRP A 177 4.19 44.48 23.06
CA TRP A 177 5.57 44.05 23.15
C TRP A 177 5.88 43.80 24.62
N LEU A 178 6.58 42.70 24.90
CA LEU A 178 6.94 42.34 26.27
C LEU A 178 8.43 42.23 26.43
N GLU A 179 9.09 41.63 25.45
CA GLU A 179 10.50 41.37 25.58
C GLU A 179 11.21 41.30 24.23
N GLU A 180 12.31 40.56 24.21
CA GLU A 180 13.07 40.36 23.00
C GLU A 180 12.18 39.60 22.01
N GLY A 181 11.60 40.32 21.06
CA GLY A 181 10.73 39.69 20.08
C GLY A 181 9.65 38.77 20.65
N VAL A 182 9.11 39.16 21.81
CA VAL A 182 8.06 38.39 22.46
C VAL A 182 6.90 39.36 22.62
N TYR A 183 5.67 38.90 22.36
CA TYR A 183 4.49 39.77 22.49
C TYR A 183 3.33 39.04 23.12
N GLU A 184 2.45 39.80 23.76
CA GLU A 184 1.25 39.22 24.32
C GLU A 184 0.24 39.47 23.22
N ILE A 185 -0.50 38.45 22.83
CA ILE A 185 -1.47 38.63 21.76
C ILE A 185 -2.74 39.30 22.22
N LYS A 186 -3.05 40.45 21.62
CA LYS A 186 -4.24 41.20 21.96
C LYS A 186 -5.34 40.89 20.97
N ASP A 187 -4.96 40.23 19.88
CA ASP A 187 -5.93 39.88 18.84
C ASP A 187 -5.20 39.22 17.67
N MET A 188 -5.97 38.49 16.87
CA MET A 188 -5.45 37.78 15.71
C MET A 188 -6.48 37.88 14.60
N VAL A 189 -6.03 38.05 13.37
CA VAL A 189 -6.96 38.14 12.26
C VAL A 189 -6.44 37.30 11.09
N GLU A 190 -7.34 36.47 10.56
CA GLU A 190 -7.00 35.58 9.46
C GLU A 190 -7.03 36.28 8.10
N LYS A 191 -5.94 36.12 7.35
CA LYS A 191 -5.82 36.68 6.02
C LYS A 191 -6.46 38.07 5.91
N PRO A 192 -5.90 39.06 6.60
CA PRO A 192 -6.47 40.41 6.54
C PRO A 192 -6.20 41.15 5.23
N ASN A 193 -6.96 42.21 4.96
CA ASN A 193 -6.72 43.00 3.75
C ASN A 193 -5.48 43.81 4.07
N GLN A 194 -4.64 43.99 3.06
CA GLN A 194 -3.41 44.72 3.23
C GLN A 194 -3.55 46.03 4.02
N GLU A 195 -4.70 46.67 3.90
CA GLU A 195 -4.92 47.94 4.58
C GLU A 195 -5.49 47.87 5.98
N ASP A 196 -6.25 46.81 6.28
CA ASP A 196 -6.79 46.69 7.63
C ASP A 196 -5.89 45.83 8.49
N ALA A 197 -4.97 45.10 7.83
CA ALA A 197 -4.04 44.25 8.55
C ALA A 197 -3.43 45.00 9.73
N PRO A 198 -3.48 44.40 10.93
CA PRO A 198 -2.93 45.03 12.14
C PRO A 198 -1.42 45.07 12.19
N SER A 199 -0.76 44.30 11.34
CA SER A 199 0.71 44.28 11.29
C SER A 199 1.29 43.37 10.21
N ASN A 200 2.61 43.44 10.06
CA ASN A 200 3.29 42.62 9.09
C ASN A 200 3.85 41.41 9.84
N LEU A 201 3.30 41.15 11.02
CA LEU A 201 3.71 40.03 11.86
C LEU A 201 2.82 38.81 11.59
N ALA A 202 3.27 37.97 10.66
CA ALA A 202 2.54 36.78 10.25
C ALA A 202 2.80 35.55 11.11
N VAL A 203 1.77 34.72 11.25
CA VAL A 203 1.85 33.50 12.03
C VAL A 203 2.40 32.36 11.18
N ILE A 204 3.33 31.60 11.75
CA ILE A 204 3.98 30.50 11.05
C ILE A 204 3.53 29.12 11.54
N GLY A 205 3.82 28.08 10.76
CA GLY A 205 3.43 26.73 11.12
C GLY A 205 4.16 26.18 12.34
N ARG A 206 4.19 26.96 13.41
CA ARG A 206 4.85 26.57 14.65
C ARG A 206 4.02 26.94 15.88
N TYR A 207 3.59 25.94 16.63
CA TYR A 207 2.81 26.21 17.83
C TYR A 207 3.18 25.33 19.01
N ILE A 208 2.92 25.85 20.20
CA ILE A 208 3.08 25.13 21.45
C ILE A 208 1.78 25.57 22.11
N LEU A 209 0.86 24.63 22.24
CA LEU A 209 -0.42 24.96 22.82
C LEU A 209 -0.61 24.30 24.17
N THR A 210 -1.58 24.81 24.90
CA THR A 210 -1.93 24.27 26.20
C THR A 210 -3.24 23.55 25.93
N PRO A 211 -3.48 22.44 26.62
CA PRO A 211 -4.67 21.57 26.52
C PRO A 211 -6.03 22.20 26.36
N ASP A 212 -6.28 23.31 27.05
CA ASP A 212 -7.57 23.98 26.97
C ASP A 212 -7.94 24.33 25.54
N ILE A 213 -6.94 24.47 24.67
CA ILE A 213 -7.20 24.78 23.28
C ILE A 213 -8.15 23.72 22.72
N PHE A 214 -8.00 22.48 23.18
CA PHE A 214 -8.84 21.37 22.74
C PHE A 214 -10.31 21.67 23.00
N GLU A 215 -10.60 21.99 24.26
CA GLU A 215 -11.97 22.32 24.66
C GLU A 215 -12.46 23.51 23.84
N ILE A 216 -11.64 24.56 23.75
CA ILE A 216 -12.00 25.73 22.97
C ILE A 216 -12.39 25.32 21.56
N LEU A 217 -11.51 24.58 20.90
CA LEU A 217 -11.77 24.14 19.53
C LEU A 217 -13.13 23.49 19.33
N SER A 218 -13.54 22.58 20.22
CA SER A 218 -14.83 21.92 20.05
C SER A 218 -16.00 22.92 20.17
N GLU A 219 -15.83 23.92 21.02
CA GLU A 219 -16.85 24.95 21.22
C GLU A 219 -16.87 25.93 20.06
N THR A 220 -15.68 26.26 19.56
CA THR A 220 -15.50 27.19 18.45
C THR A 220 -16.45 26.97 17.28
N LYS A 221 -17.09 28.04 16.84
CA LYS A 221 -18.03 28.00 15.72
C LYS A 221 -17.32 27.91 14.38
N PRO A 222 -17.71 26.95 13.52
CA PRO A 222 -17.06 26.84 12.21
C PRO A 222 -17.16 28.19 11.53
N GLY A 223 -16.02 28.84 11.36
CA GLY A 223 -16.05 30.17 10.77
C GLY A 223 -16.19 30.23 9.26
N LYS A 224 -15.32 31.04 8.66
CA LYS A 224 -15.39 31.25 7.24
C LYS A 224 -15.33 29.97 6.42
N ASN A 225 -16.49 29.36 6.16
CA ASN A 225 -16.67 28.15 5.35
C ASN A 225 -16.60 26.76 6.02
N ASN A 226 -17.62 26.47 6.83
CA ASN A 226 -17.72 25.18 7.51
C ASN A 226 -16.43 24.73 8.19
N GLU A 227 -15.44 25.62 8.27
CA GLU A 227 -14.19 25.24 8.91
C GLU A 227 -13.95 25.98 10.24
N ILE A 228 -13.24 25.30 11.14
CA ILE A 228 -12.88 25.86 12.44
C ILE A 228 -11.37 26.05 12.37
N GLN A 229 -10.88 27.24 12.69
CA GLN A 229 -9.44 27.45 12.65
C GLN A 229 -8.85 28.12 13.87
N ILE A 230 -7.72 27.55 14.30
CA ILE A 230 -6.98 28.00 15.45
C ILE A 230 -6.98 29.50 15.65
N THR A 231 -7.16 30.27 14.57
CA THR A 231 -7.15 31.71 14.71
C THR A 231 -8.21 32.14 15.71
N ASP A 232 -9.41 31.58 15.60
CA ASP A 232 -10.46 31.94 16.55
C ASP A 232 -10.17 31.34 17.92
N ALA A 233 -9.78 30.07 17.93
CA ALA A 233 -9.49 29.38 19.19
C ALA A 233 -8.36 30.07 19.95
N LEU A 234 -7.35 30.54 19.23
CA LEU A 234 -6.23 31.21 19.86
C LEU A 234 -6.63 32.58 20.37
N ARG A 235 -7.51 33.24 19.63
CA ARG A 235 -7.97 34.55 20.04
C ARG A 235 -8.71 34.31 21.35
N THR A 236 -9.64 33.38 21.32
CA THR A 236 -10.40 33.03 22.49
C THR A 236 -9.48 32.86 23.70
N GLN A 237 -8.36 32.17 23.52
CA GLN A 237 -7.42 31.99 24.62
C GLN A 237 -6.95 33.36 25.09
N ALA A 238 -6.58 34.20 24.12
CA ALA A 238 -6.09 35.55 24.41
C ALA A 238 -7.02 36.40 25.27
N LYS A 239 -8.33 36.34 25.00
CA LYS A 239 -9.28 37.10 25.81
C LYS A 239 -9.16 36.58 27.22
N ARG A 240 -9.08 35.26 27.34
CA ARG A 240 -9.00 34.58 28.62
C ARG A 240 -7.69 34.76 29.37
N LYS A 241 -6.56 34.77 28.68
CA LYS A 241 -5.30 34.99 29.38
C LYS A 241 -4.17 35.38 28.46
N ARG A 242 -2.96 35.36 29.00
CA ARG A 242 -1.78 35.70 28.23
C ARG A 242 -1.25 34.56 27.36
N ILE A 243 -0.99 34.86 26.09
CA ILE A 243 -0.40 33.90 25.17
C ILE A 243 0.63 34.71 24.40
N ILE A 244 1.71 34.05 24.00
CA ILE A 244 2.81 34.70 23.32
C ILE A 244 2.90 34.51 21.80
N ALA A 245 3.46 35.51 21.15
CA ALA A 245 3.72 35.48 19.72
C ALA A 245 5.23 35.67 19.75
N TYR A 246 5.97 34.66 19.32
CA TYR A 246 7.42 34.71 19.34
C TYR A 246 8.02 34.92 17.96
N GLN A 247 8.90 35.91 17.87
CA GLN A 247 9.56 36.22 16.62
C GLN A 247 10.84 35.40 16.60
N PHE A 248 10.74 34.19 16.09
CA PHE A 248 11.85 33.24 16.01
C PHE A 248 13.03 33.77 15.24
N LYS A 249 14.11 32.99 15.26
CA LYS A 249 15.33 33.33 14.55
C LYS A 249 15.65 32.20 13.58
N GLY A 250 16.24 32.55 12.44
CA GLY A 250 16.54 31.56 11.43
C GLY A 250 15.61 31.82 10.26
N LYS A 251 15.80 31.16 9.13
CA LYS A 251 14.91 31.42 8.00
C LYS A 251 13.80 30.38 7.87
N ARG A 252 12.69 30.82 7.30
CA ARG A 252 11.58 29.93 7.08
C ARG A 252 11.17 30.00 5.62
N TYR A 253 11.20 28.85 4.94
CA TYR A 253 10.81 28.79 3.55
C TYR A 253 9.39 28.27 3.56
N ASP A 254 8.50 28.90 2.80
CA ASP A 254 7.12 28.43 2.74
C ASP A 254 6.95 27.48 1.56
N CYS A 255 7.18 26.19 1.82
CA CYS A 255 7.07 25.20 0.76
C CYS A 255 5.60 24.96 0.48
N GLY A 256 4.76 25.81 1.05
CA GLY A 256 3.33 25.69 0.84
C GLY A 256 3.07 26.03 -0.60
N SER A 257 3.98 26.81 -1.17
CA SER A 257 3.91 27.25 -2.55
C SER A 257 5.04 26.59 -3.33
N VAL A 258 4.82 26.31 -4.60
CA VAL A 258 5.88 25.70 -5.39
C VAL A 258 7.00 26.70 -5.44
N GLU A 259 6.66 28.00 -5.38
CA GLU A 259 7.71 29.02 -5.44
C GLU A 259 8.65 28.90 -4.24
N GLY A 260 8.08 28.65 -3.07
CA GLY A 260 8.88 28.50 -1.87
C GLY A 260 9.58 27.16 -1.88
N TYR A 261 8.89 26.16 -2.40
CA TYR A 261 9.42 24.81 -2.51
C TYR A 261 10.70 24.90 -3.34
N ILE A 262 10.59 25.42 -4.55
CA ILE A 262 11.75 25.57 -5.42
C ILE A 262 12.87 26.31 -4.71
N GLU A 263 12.52 27.44 -4.10
CA GLU A 263 13.49 28.23 -3.38
C GLU A 263 14.20 27.39 -2.34
N ALA A 264 13.42 26.72 -1.49
CA ALA A 264 13.96 25.89 -0.43
C ALA A 264 14.91 24.85 -1.03
N SER A 265 14.56 24.34 -2.21
CA SER A 265 15.40 23.35 -2.86
C SER A 265 16.77 23.91 -3.17
N ASN A 266 16.80 24.95 -3.98
CA ASN A 266 18.06 25.59 -4.34
C ASN A 266 18.91 25.85 -3.11
N ALA A 267 18.28 26.45 -2.10
CA ALA A 267 18.97 26.77 -0.88
C ALA A 267 19.77 25.57 -0.37
N TYR A 268 19.08 24.55 0.12
CA TYR A 268 19.72 23.36 0.67
C TYR A 268 20.71 22.67 -0.27
N TYR A 269 20.58 22.94 -1.57
CA TYR A 269 21.51 22.37 -2.53
C TYR A 269 22.84 23.09 -2.32
N LYS A 270 22.80 24.43 -2.43
CA LYS A 270 23.99 25.25 -2.21
C LYS A 270 24.55 24.87 -0.85
N LYS A 271 23.69 24.90 0.15
CA LYS A 271 24.03 24.57 1.53
C LYS A 271 24.96 23.35 1.60
N ARG A 272 24.76 22.38 0.70
CA ARG A 272 25.59 21.19 0.69
C ARG A 272 26.96 21.40 0.07
N LEU A 273 27.49 22.61 0.21
CA LEU A 273 28.82 22.91 -0.31
C LEU A 273 29.83 22.69 0.83
N MET B 1 3.70 1.02 -35.81
CA MET B 1 3.73 1.45 -34.38
C MET B 1 4.54 0.48 -33.51
N ILE B 2 5.25 1.01 -32.53
CA ILE B 2 5.98 0.16 -31.59
C ILE B 2 5.06 0.22 -30.36
N LYS B 3 4.36 -0.87 -30.11
CA LYS B 3 3.42 -0.94 -29.00
C LYS B 3 3.94 -0.81 -27.58
N LYS B 4 4.92 -1.62 -27.23
CA LYS B 4 5.46 -1.58 -25.88
C LYS B 4 6.64 -0.65 -25.63
N CYS B 5 6.74 -0.17 -24.39
CA CYS B 5 7.81 0.71 -23.94
C CYS B 5 8.25 0.26 -22.54
N LEU B 6 9.51 -0.13 -22.41
CA LEU B 6 10.05 -0.60 -21.15
C LEU B 6 10.52 0.56 -20.28
N PHE B 7 10.29 0.46 -18.97
CA PHE B 7 10.71 1.49 -18.04
C PHE B 7 11.52 0.85 -16.91
N PRO B 8 12.83 0.68 -17.08
CA PRO B 8 13.69 0.08 -16.07
C PRO B 8 13.71 0.99 -14.86
N ALA B 9 13.06 0.58 -13.78
CA ALA B 9 12.99 1.45 -12.63
C ALA B 9 13.12 0.82 -11.24
N ALA B 10 14.21 0.12 -10.99
CA ALA B 10 14.41 -0.47 -9.66
C ALA B 10 15.69 0.09 -8.98
N GLY B 11 16.66 0.46 -9.82
CA GLY B 11 17.92 1.01 -9.33
C GLY B 11 17.75 1.80 -8.05
N TYR B 12 18.33 1.30 -6.96
CA TYR B 12 18.24 1.91 -5.63
C TYR B 12 18.34 3.43 -5.54
N GLY B 13 18.60 4.10 -6.66
CA GLY B 13 18.71 5.55 -6.66
C GLY B 13 19.41 6.02 -5.41
N THR B 14 20.53 5.37 -5.12
CA THR B 14 21.33 5.64 -3.93
C THR B 14 21.85 7.06 -3.82
N ARG B 15 21.87 7.79 -4.93
CA ARG B 15 22.32 9.17 -4.89
C ARG B 15 21.28 10.08 -4.25
N PHE B 16 20.06 9.58 -4.08
CA PHE B 16 19.00 10.39 -3.47
C PHE B 16 18.51 9.88 -2.13
N LEU B 17 19.30 9.04 -1.49
CA LEU B 17 18.97 8.54 -0.17
C LEU B 17 19.00 9.78 0.71
N PRO B 18 18.28 9.78 1.85
CA PRO B 18 17.45 8.71 2.38
C PRO B 18 16.02 8.63 1.86
N ILE B 19 15.47 9.71 1.31
CA ILE B 19 14.09 9.69 0.83
C ILE B 19 13.79 8.51 -0.09
N THR B 20 14.80 8.08 -0.83
CA THR B 20 14.68 6.97 -1.76
C THR B 20 14.45 5.63 -1.05
N LYS B 21 14.46 5.68 0.27
CA LYS B 21 14.23 4.53 1.13
C LYS B 21 12.77 4.12 1.04
N THR B 22 11.92 5.07 0.66
CA THR B 22 10.48 4.83 0.58
C THR B 22 9.83 5.39 -0.69
N ILE B 23 10.38 6.46 -1.23
CA ILE B 23 9.83 7.03 -2.46
C ILE B 23 10.73 6.61 -3.62
N PRO B 24 10.23 5.80 -4.57
CA PRO B 24 11.05 5.38 -5.70
C PRO B 24 11.56 6.57 -6.48
N LYS B 25 12.79 6.47 -6.96
CA LYS B 25 13.42 7.55 -7.70
C LYS B 25 12.50 8.12 -8.77
N GLU B 26 11.92 7.25 -9.58
CA GLU B 26 11.04 7.69 -10.64
C GLU B 26 9.82 8.49 -10.17
N MET B 27 9.54 8.47 -8.88
CA MET B 27 8.40 9.21 -8.36
C MET B 27 8.79 10.55 -7.75
N LEU B 28 10.06 10.91 -7.86
CA LEU B 28 10.51 12.21 -7.35
C LEU B 28 9.89 13.24 -8.28
N PRO B 29 9.33 14.30 -7.70
CA PRO B 29 8.69 15.34 -8.50
C PRO B 29 9.63 16.31 -9.17
N ILE B 30 9.22 16.82 -10.32
CA ILE B 30 10.03 17.83 -10.95
C ILE B 30 9.47 19.08 -10.29
N VAL B 31 8.34 19.54 -10.78
CA VAL B 31 7.69 20.69 -10.17
C VAL B 31 6.56 20.06 -9.36
N ASP B 32 5.64 19.40 -10.07
CA ASP B 32 4.50 18.75 -9.44
C ASP B 32 4.16 17.43 -10.14
N LYS B 33 4.97 17.03 -11.10
CA LYS B 33 4.76 15.76 -11.82
C LYS B 33 5.89 14.81 -11.49
N PRO B 34 5.57 13.53 -11.28
CA PRO B 34 6.69 12.65 -10.97
C PRO B 34 7.49 12.46 -12.24
N LEU B 35 8.77 12.16 -12.08
CA LEU B 35 9.66 11.96 -13.20
C LEU B 35 9.04 10.97 -14.18
N ILE B 36 8.65 9.79 -13.70
CA ILE B 36 8.08 8.76 -14.56
C ILE B 36 6.95 9.24 -15.47
N GLN B 37 6.21 10.27 -15.09
CA GLN B 37 5.10 10.75 -15.93
C GLN B 37 5.57 11.40 -17.22
N TYR B 38 6.71 12.09 -17.15
CA TYR B 38 7.26 12.73 -18.33
C TYR B 38 7.62 11.61 -19.31
N ALA B 39 8.24 10.55 -18.79
CA ALA B 39 8.63 9.41 -19.61
C ALA B 39 7.40 8.78 -20.26
N VAL B 40 6.47 8.30 -19.46
CA VAL B 40 5.26 7.70 -20.02
C VAL B 40 4.58 8.68 -20.99
N GLU B 41 4.58 9.97 -20.66
CA GLU B 41 3.96 10.95 -21.53
C GLU B 41 4.67 10.90 -22.89
N GLU B 42 5.99 10.82 -22.84
CA GLU B 42 6.78 10.74 -24.07
C GLU B 42 6.36 9.51 -24.87
N ALA B 43 6.54 8.34 -24.27
CA ALA B 43 6.20 7.06 -24.89
C ALA B 43 4.82 7.08 -25.51
N MET B 44 3.86 7.64 -24.80
CA MET B 44 2.49 7.70 -25.32
C MET B 44 2.42 8.50 -26.61
N GLU B 45 3.06 9.66 -26.64
CA GLU B 45 3.04 10.48 -27.84
C GLU B 45 3.85 9.84 -28.96
N ALA B 46 4.66 8.85 -28.60
CA ALA B 46 5.48 8.12 -29.60
C ALA B 46 4.67 6.97 -30.19
N GLY B 47 3.41 6.85 -29.79
CA GLY B 47 2.55 5.81 -30.30
C GLY B 47 2.42 4.59 -29.38
N CYS B 48 3.28 4.51 -28.37
CA CYS B 48 3.25 3.39 -27.43
C CYS B 48 1.91 3.25 -26.71
N GLU B 49 1.46 2.02 -26.55
CA GLU B 49 0.18 1.76 -25.92
C GLU B 49 0.31 1.01 -24.59
N VAL B 50 1.38 0.22 -24.48
CA VAL B 50 1.61 -0.53 -23.26
C VAL B 50 2.86 -0.05 -22.53
N MET B 51 2.67 0.48 -21.33
CA MET B 51 3.78 0.95 -20.54
C MET B 51 4.19 -0.17 -19.61
N ALA B 52 5.25 -0.87 -19.99
CA ALA B 52 5.75 -1.99 -19.23
C ALA B 52 6.81 -1.53 -18.24
N ILE B 53 6.40 -1.39 -16.99
CA ILE B 53 7.28 -0.93 -15.93
C ILE B 53 7.89 -2.06 -15.12
N VAL B 54 9.21 -2.02 -14.95
CA VAL B 54 9.94 -3.03 -14.19
C VAL B 54 10.24 -2.51 -12.78
N THR B 55 9.28 -2.67 -11.88
CA THR B 55 9.44 -2.19 -10.51
C THR B 55 10.44 -2.97 -9.65
N GLY B 56 10.64 -2.47 -8.44
CA GLY B 56 11.55 -3.11 -7.52
C GLY B 56 11.07 -2.99 -6.09
N ARG B 57 11.87 -2.35 -5.24
CA ARG B 57 11.55 -2.18 -3.83
C ARG B 57 10.17 -1.56 -3.56
N ASN B 58 10.15 -0.23 -3.48
CA ASN B 58 8.91 0.50 -3.23
C ASN B 58 8.30 0.66 -4.61
N LYS B 59 7.02 0.34 -4.74
CA LYS B 59 6.39 0.44 -6.04
C LYS B 59 4.89 0.63 -6.02
N ARG B 60 4.29 0.52 -4.83
CA ARG B 60 2.84 0.70 -4.72
C ARG B 60 2.61 2.17 -5.07
N SER B 61 3.65 2.98 -4.87
CA SER B 61 3.61 4.39 -5.17
C SER B 61 3.67 4.54 -6.68
N LEU B 62 4.41 3.63 -7.31
CA LEU B 62 4.56 3.63 -8.76
C LEU B 62 3.29 3.09 -9.42
N GLU B 63 2.82 1.94 -8.94
CA GLU B 63 1.62 1.35 -9.52
C GLU B 63 0.40 2.19 -9.19
N ASP B 64 0.38 2.77 -7.99
CA ASP B 64 -0.74 3.61 -7.58
C ASP B 64 -0.86 4.90 -8.37
N TYR B 65 0.27 5.48 -8.80
CA TYR B 65 0.20 6.74 -9.53
C TYR B 65 -0.64 6.64 -10.81
N PHE B 66 -0.48 5.55 -11.56
CA PHE B 66 -1.23 5.37 -12.79
C PHE B 66 -2.58 4.66 -12.60
N ASP B 67 -3.03 4.59 -11.35
CA ASP B 67 -4.33 4.00 -11.05
C ASP B 67 -5.22 5.23 -10.97
N THR B 68 -6.45 5.12 -11.45
CA THR B 68 -7.34 6.27 -11.41
C THR B 68 -7.98 6.42 -10.02
N SER B 69 -7.49 7.39 -9.25
CA SER B 69 -8.00 7.64 -7.91
C SER B 69 -9.18 8.60 -7.93
N TYR B 70 -10.32 8.12 -7.42
CA TYR B 70 -11.54 8.91 -7.41
C TYR B 70 -11.67 9.89 -6.25
N GLU B 71 -11.35 9.45 -5.05
CA GLU B 71 -11.44 10.31 -3.88
C GLU B 71 -11.11 11.77 -4.15
N ILE B 72 -10.04 11.99 -4.91
CA ILE B 72 -9.61 13.34 -5.21
C ILE B 72 -10.21 13.91 -6.50
N GLU B 73 -10.56 13.03 -7.44
CA GLU B 73 -11.17 13.50 -8.69
C GLU B 73 -12.57 14.02 -8.38
N HIS B 74 -13.14 13.48 -7.29
CA HIS B 74 -14.46 13.88 -6.83
C HIS B 74 -14.24 15.14 -6.00
N GLN B 75 -13.58 14.95 -4.86
CA GLN B 75 -13.29 16.05 -3.94
C GLN B 75 -12.27 16.99 -4.58
N ILE B 76 -12.71 17.67 -5.64
CA ILE B 76 -11.85 18.61 -6.37
C ILE B 76 -12.58 19.08 -7.63
N GLN B 77 -13.46 18.22 -8.14
CA GLN B 77 -14.23 18.55 -9.32
C GLN B 77 -15.10 19.75 -9.02
N GLY B 78 -14.91 20.82 -9.79
CA GLY B 78 -15.67 22.04 -9.61
C GLY B 78 -14.73 23.17 -9.23
N THR B 79 -13.52 22.80 -8.82
CA THR B 79 -12.50 23.77 -8.42
C THR B 79 -11.62 24.11 -9.61
N ASN B 80 -10.93 25.25 -9.52
CA ASN B 80 -10.02 25.70 -10.57
C ASN B 80 -8.98 24.62 -10.83
N LYS B 81 -8.57 23.96 -9.73
CA LYS B 81 -7.58 22.91 -9.76
C LYS B 81 -8.01 21.65 -10.51
N GLU B 82 -9.28 21.57 -10.87
CA GLU B 82 -9.79 20.41 -11.59
C GLU B 82 -9.10 20.25 -12.94
N ASN B 83 -7.93 20.86 -13.08
CA ASN B 83 -7.17 20.79 -14.33
C ASN B 83 -5.82 20.09 -14.19
N ALA B 84 -5.17 20.31 -13.06
CA ALA B 84 -3.87 19.70 -12.82
C ALA B 84 -3.85 18.21 -13.17
N LEU B 85 -4.96 17.54 -12.91
CA LEU B 85 -5.06 16.11 -13.19
C LEU B 85 -5.42 15.74 -14.63
N LYS B 86 -5.64 16.73 -15.48
CA LYS B 86 -6.03 16.45 -16.86
C LYS B 86 -5.01 15.68 -17.68
N SER B 87 -3.73 15.90 -17.42
CA SER B 87 -2.66 15.22 -18.14
C SER B 87 -2.52 13.75 -17.76
N ILE B 88 -2.39 13.48 -16.46
CA ILE B 88 -2.25 12.11 -15.99
C ILE B 88 -3.57 11.36 -16.17
N ARG B 89 -4.68 12.08 -16.05
CA ARG B 89 -5.98 11.46 -16.24
C ARG B 89 -6.03 10.91 -17.65
N ASN B 90 -5.46 11.66 -18.59
CA ASN B 90 -5.43 11.26 -19.99
C ASN B 90 -4.50 10.07 -20.22
N ILE B 91 -3.31 10.12 -19.63
CA ILE B 91 -2.36 9.02 -19.77
C ILE B 91 -3.02 7.74 -19.26
N ILE B 92 -3.69 7.87 -18.13
CA ILE B 92 -4.37 6.72 -17.52
C ILE B 92 -5.38 6.07 -18.44
N GLU B 93 -6.31 6.86 -18.96
CA GLU B 93 -7.35 6.33 -19.84
C GLU B 93 -6.88 5.85 -21.21
N LYS B 94 -5.80 6.41 -21.73
CA LYS B 94 -5.30 6.00 -23.03
C LYS B 94 -4.24 4.91 -23.01
N CYS B 95 -3.43 4.87 -21.96
CA CYS B 95 -2.38 3.85 -21.89
C CYS B 95 -2.81 2.62 -21.11
N CYS B 96 -1.99 1.58 -21.22
CA CYS B 96 -2.22 0.31 -20.55
C CYS B 96 -0.95 0.04 -19.74
N PHE B 97 -1.07 -0.44 -18.51
CA PHE B 97 0.13 -0.67 -17.72
C PHE B 97 0.38 -2.09 -17.22
N SER B 98 1.59 -2.59 -17.45
CA SER B 98 1.96 -3.93 -16.99
C SER B 98 3.20 -3.81 -16.12
N TYR B 99 3.30 -4.68 -15.11
CA TYR B 99 4.42 -4.66 -14.17
C TYR B 99 5.12 -5.99 -13.94
N VAL B 100 6.31 -5.93 -13.38
CA VAL B 100 7.09 -7.11 -13.05
C VAL B 100 8.17 -6.69 -12.07
N ARG B 101 8.20 -7.32 -10.90
CA ARG B 101 9.19 -6.99 -9.87
C ARG B 101 10.54 -7.60 -10.19
N GLN B 102 11.61 -6.95 -9.74
CA GLN B 102 12.95 -7.47 -9.94
C GLN B 102 13.31 -8.25 -8.69
N LYS B 103 14.08 -9.33 -8.84
CA LYS B 103 14.49 -10.09 -7.66
C LYS B 103 15.16 -9.03 -6.78
N GLN B 104 16.21 -8.43 -7.34
CA GLN B 104 16.99 -7.38 -6.70
C GLN B 104 17.62 -6.58 -7.83
N MET B 105 18.06 -5.36 -7.52
CA MET B 105 18.66 -4.48 -8.52
C MET B 105 20.11 -4.81 -8.82
N LYS B 106 20.46 -4.76 -10.10
CA LYS B 106 21.81 -5.07 -10.54
C LYS B 106 22.14 -4.32 -11.82
N GLY B 107 21.49 -3.19 -12.04
CA GLY B 107 21.78 -2.42 -13.23
C GLY B 107 20.83 -2.53 -14.39
N LEU B 108 20.99 -1.61 -15.34
CA LEU B 108 20.17 -1.53 -16.53
C LEU B 108 20.10 -2.86 -17.26
N GLY B 109 21.25 -3.48 -17.49
CA GLY B 109 21.28 -4.75 -18.19
C GLY B 109 20.34 -5.79 -17.62
N HIS B 110 20.51 -6.09 -16.33
CA HIS B 110 19.67 -7.08 -15.68
C HIS B 110 18.20 -6.65 -15.57
N ALA B 111 17.96 -5.35 -15.48
CA ALA B 111 16.58 -4.84 -15.38
C ALA B 111 15.84 -5.13 -16.68
N ILE B 112 16.50 -4.83 -17.81
CA ILE B 112 15.92 -5.04 -19.12
C ILE B 112 15.63 -6.52 -19.38
N LEU B 113 16.58 -7.39 -19.04
CA LEU B 113 16.38 -8.83 -19.20
C LEU B 113 15.09 -9.22 -18.45
N THR B 114 14.91 -8.65 -17.26
CA THR B 114 13.74 -8.91 -16.44
C THR B 114 12.46 -8.54 -17.18
N GLY B 115 12.49 -7.38 -17.81
CA GLY B 115 11.33 -6.91 -18.55
C GLY B 115 10.91 -7.84 -19.66
N GLU B 116 11.77 -8.81 -20.00
CA GLU B 116 11.48 -9.77 -21.06
C GLU B 116 10.09 -10.35 -20.89
N ALA B 117 9.71 -10.49 -19.62
CA ALA B 117 8.41 -11.04 -19.26
C ALA B 117 7.26 -10.17 -19.73
N LEU B 118 7.56 -8.94 -20.15
CA LEU B 118 6.51 -8.04 -20.59
C LEU B 118 6.60 -7.72 -22.07
N ILE B 119 7.62 -8.24 -22.73
CA ILE B 119 7.81 -7.97 -24.16
C ILE B 119 7.74 -9.24 -25.03
N GLY B 120 8.59 -10.22 -24.73
CA GLY B 120 8.55 -11.43 -25.54
C GLY B 120 9.40 -11.37 -26.80
N ASN B 121 8.79 -10.98 -27.93
CA ASN B 121 9.53 -10.91 -29.21
C ASN B 121 8.97 -9.87 -30.18
N GLU B 122 9.22 -8.62 -29.86
CA GLU B 122 8.76 -7.50 -30.67
C GLU B 122 9.74 -6.38 -30.40
N PRO B 123 9.99 -5.50 -31.37
CA PRO B 123 10.94 -4.44 -31.01
C PRO B 123 10.28 -3.66 -29.88
N PHE B 124 11.08 -3.09 -28.98
CA PHE B 124 10.47 -2.32 -27.91
C PHE B 124 11.28 -1.10 -27.51
N ALA B 125 10.56 -0.04 -27.13
CA ALA B 125 11.21 1.19 -26.70
C ALA B 125 11.61 1.07 -25.24
N VAL B 126 12.70 1.72 -24.86
CA VAL B 126 13.15 1.73 -23.48
C VAL B 126 13.41 3.19 -23.17
N ILE B 127 12.94 3.64 -22.03
CA ILE B 127 13.13 5.03 -21.60
C ILE B 127 13.59 5.06 -20.15
N LEU B 128 14.67 5.79 -19.88
CA LEU B 128 15.16 5.89 -18.52
C LEU B 128 14.65 7.23 -18.02
N ALA B 129 13.68 7.18 -17.09
CA ALA B 129 13.08 8.39 -16.55
C ALA B 129 14.09 9.41 -16.04
N ASP B 130 15.23 8.94 -15.53
CA ASP B 130 16.25 9.84 -15.04
C ASP B 130 16.61 10.85 -16.10
N ASP B 131 16.82 10.38 -17.34
CA ASP B 131 17.16 11.28 -18.44
C ASP B 131 15.89 11.98 -18.85
N LEU B 132 15.71 13.20 -18.35
CA LEU B 132 14.53 13.99 -18.65
C LEU B 132 14.76 14.79 -19.93
N CYS B 133 14.10 14.40 -21.01
CA CYS B 133 14.28 15.08 -22.29
C CYS B 133 13.13 16.00 -22.63
N ILE B 134 13.46 17.10 -23.28
CA ILE B 134 12.47 18.10 -23.65
C ILE B 134 12.81 18.57 -25.07
N SER B 135 11.79 18.72 -25.91
CA SER B 135 11.98 19.16 -27.30
C SER B 135 11.35 20.52 -27.64
N HIS B 136 12.16 21.38 -28.26
CA HIS B 136 11.73 22.72 -28.65
C HIS B 136 11.03 22.73 -30.01
N ASP B 137 9.72 22.50 -29.99
CA ASP B 137 8.91 22.47 -31.21
C ASP B 137 9.38 21.30 -32.09
N HIS B 138 9.59 20.17 -31.43
CA HIS B 138 10.03 18.93 -32.07
C HIS B 138 9.29 17.80 -31.41
N PRO B 139 9.19 16.66 -32.09
CA PRO B 139 8.49 15.54 -31.46
C PRO B 139 9.43 14.98 -30.38
N SER B 140 8.89 14.25 -29.42
CA SER B 140 9.72 13.68 -28.37
C SER B 140 10.89 12.90 -28.96
N VAL B 141 11.96 12.72 -28.18
CA VAL B 141 13.13 11.99 -28.67
C VAL B 141 12.69 10.63 -29.24
N LEU B 142 11.76 9.96 -28.56
CA LEU B 142 11.29 8.67 -29.06
C LEU B 142 10.60 8.84 -30.41
N LYS B 143 9.60 9.71 -30.45
CA LYS B 143 8.87 9.93 -31.69
C LYS B 143 9.89 10.11 -32.80
N GLN B 144 11.00 10.75 -32.47
CA GLN B 144 12.05 10.93 -33.45
C GLN B 144 12.63 9.56 -33.79
N MET B 145 13.03 8.81 -32.77
CA MET B 145 13.61 7.49 -32.96
C MET B 145 12.68 6.48 -33.63
N THR B 146 11.36 6.66 -33.51
CA THR B 146 10.44 5.74 -34.16
C THR B 146 10.56 5.84 -35.68
N SER B 147 10.69 7.08 -36.18
CA SER B 147 10.82 7.34 -37.61
C SER B 147 12.00 6.59 -38.16
N LEU B 148 13.02 6.44 -37.32
CA LEU B 148 14.21 5.71 -37.73
C LEU B 148 13.96 4.22 -37.78
N TYR B 149 13.24 3.70 -36.80
CA TYR B 149 12.95 2.28 -36.82
C TYR B 149 12.15 1.93 -38.04
N GLN B 150 11.30 2.85 -38.51
CA GLN B 150 10.51 2.57 -39.69
C GLN B 150 11.46 2.33 -40.85
N LYS B 151 12.42 3.24 -40.98
CA LYS B 151 13.41 3.19 -42.03
C LYS B 151 14.41 2.04 -42.01
N TYR B 152 14.93 1.69 -40.84
CA TYR B 152 15.94 0.64 -40.76
C TYR B 152 15.59 -0.58 -39.94
N GLN B 153 14.42 -0.54 -39.28
CA GLN B 153 13.94 -1.59 -38.39
C GLN B 153 15.00 -2.46 -37.70
N CYS B 154 15.89 -1.77 -36.99
CA CYS B 154 16.93 -2.40 -36.18
C CYS B 154 16.98 -1.53 -34.92
N SER B 155 17.80 -1.91 -33.95
CA SER B 155 17.86 -1.11 -32.74
C SER B 155 18.29 0.32 -33.02
N ILE B 156 17.60 1.25 -32.37
CA ILE B 156 17.91 2.66 -32.48
C ILE B 156 18.17 3.16 -31.04
N VAL B 157 19.32 3.79 -30.83
CA VAL B 157 19.62 4.34 -29.51
C VAL B 157 20.01 5.78 -29.69
N ALA B 158 19.52 6.64 -28.79
CA ALA B 158 19.84 8.05 -28.86
C ALA B 158 21.24 8.32 -28.31
N ILE B 159 21.95 9.22 -28.97
CA ILE B 159 23.28 9.61 -28.54
C ILE B 159 23.25 11.10 -28.28
N GLU B 160 24.20 11.58 -27.49
CA GLU B 160 24.24 13.00 -27.22
C GLU B 160 25.70 13.44 -27.22
N GLU B 161 25.94 14.56 -27.88
CA GLU B 161 27.28 15.11 -27.95
C GLU B 161 27.60 15.79 -26.62
N VAL B 162 28.54 15.22 -25.87
CA VAL B 162 28.91 15.77 -24.58
C VAL B 162 30.28 16.45 -24.58
N ALA B 163 30.65 16.98 -23.42
CA ALA B 163 31.93 17.63 -23.25
C ALA B 163 32.96 16.51 -23.15
N LEU B 164 34.11 16.67 -23.78
CA LEU B 164 35.11 15.62 -23.72
C LEU B 164 35.28 15.19 -22.26
N GLU B 165 35.09 16.14 -21.34
CA GLU B 165 35.23 15.88 -19.91
C GLU B 165 34.42 14.68 -19.43
N GLU B 166 33.10 14.81 -19.55
CA GLU B 166 32.16 13.78 -19.11
C GLU B 166 32.12 12.49 -19.93
N VAL B 167 32.99 12.40 -20.93
CA VAL B 167 33.05 11.22 -21.78
C VAL B 167 33.29 9.97 -20.90
N SER B 168 33.86 10.20 -19.72
CA SER B 168 34.17 9.15 -18.76
C SER B 168 32.97 8.71 -17.92
N LYS B 169 31.87 9.44 -18.05
CA LYS B 169 30.66 9.12 -17.31
C LYS B 169 29.67 8.36 -18.19
N TYR B 170 29.98 8.24 -19.48
CA TYR B 170 29.09 7.54 -20.40
C TYR B 170 29.77 6.49 -21.28
N GLY B 171 28.95 5.84 -22.08
CA GLY B 171 29.43 4.85 -23.02
C GLY B 171 29.42 5.63 -24.34
N VAL B 172 30.55 5.66 -25.03
CA VAL B 172 30.67 6.41 -26.28
C VAL B 172 30.72 5.48 -27.48
N ILE B 173 30.24 5.98 -28.63
CA ILE B 173 30.22 5.19 -29.86
C ILE B 173 31.34 5.51 -30.83
N ARG B 174 31.16 5.02 -32.05
CA ARG B 174 32.08 5.20 -33.16
C ARG B 174 31.31 4.58 -34.30
N GLY B 175 30.84 5.38 -35.25
CA GLY B 175 30.08 4.80 -36.34
C GLY B 175 30.04 5.59 -37.63
N GLU B 176 29.95 4.91 -38.76
CA GLU B 176 29.91 5.64 -40.02
C GLU B 176 28.66 6.52 -40.08
N TRP B 177 28.76 7.60 -40.82
CA TRP B 177 27.66 8.55 -40.98
C TRP B 177 26.67 7.95 -41.97
N LEU B 178 25.38 8.21 -41.75
CA LEU B 178 24.31 7.69 -42.62
C LEU B 178 23.45 8.81 -43.15
N GLU B 179 23.17 9.75 -42.27
CA GLU B 179 22.36 10.93 -42.58
C GLU B 179 22.84 11.92 -41.53
N GLU B 180 22.40 13.16 -41.61
CA GLU B 180 22.84 14.13 -40.62
C GLU B 180 22.34 13.70 -39.25
N GLY B 181 23.27 13.46 -38.33
CA GLY B 181 22.89 13.08 -36.99
C GLY B 181 22.49 11.62 -36.85
N VAL B 182 22.78 10.81 -37.86
CA VAL B 182 22.44 9.38 -37.80
C VAL B 182 23.70 8.58 -38.08
N TYR B 183 24.05 7.67 -37.17
CA TYR B 183 25.24 6.87 -37.36
C TYR B 183 25.00 5.40 -37.14
N GLU B 184 25.65 4.57 -37.95
CA GLU B 184 25.55 3.12 -37.81
C GLU B 184 26.64 2.82 -36.77
N ILE B 185 26.26 2.30 -35.62
CA ILE B 185 27.25 2.03 -34.60
C ILE B 185 28.27 0.98 -35.03
N LYS B 186 29.54 1.40 -35.11
CA LYS B 186 30.60 0.50 -35.48
C LYS B 186 31.18 -0.12 -34.23
N ASP B 187 31.23 0.65 -33.15
CA ASP B 187 31.74 0.15 -31.86
C ASP B 187 31.33 1.07 -30.71
N MET B 188 31.43 0.54 -29.51
CA MET B 188 31.09 1.29 -28.30
C MET B 188 32.08 1.02 -27.17
N VAL B 189 32.68 2.08 -26.65
CA VAL B 189 33.61 1.94 -25.54
C VAL B 189 32.96 2.51 -24.27
N GLU B 190 33.12 1.77 -23.18
CA GLU B 190 32.52 2.12 -21.88
C GLU B 190 33.31 3.12 -21.06
N LYS B 191 32.69 4.27 -20.76
CA LYS B 191 33.30 5.32 -19.95
C LYS B 191 34.80 5.56 -20.18
N PRO B 192 35.22 5.81 -21.43
CA PRO B 192 36.64 6.04 -21.71
C PRO B 192 37.04 7.45 -21.26
N ASN B 193 38.34 7.76 -21.36
CA ASN B 193 38.81 9.07 -20.99
C ASN B 193 39.12 9.90 -22.23
N GLN B 194 39.04 11.21 -22.06
CA GLN B 194 39.27 12.17 -23.14
C GLN B 194 40.35 11.84 -24.16
N GLU B 195 41.55 11.51 -23.69
CA GLU B 195 42.67 11.20 -24.58
C GLU B 195 42.43 10.07 -25.58
N ASP B 196 41.62 9.08 -25.23
CA ASP B 196 41.39 7.98 -26.16
C ASP B 196 39.93 7.51 -26.31
N ALA B 197 39.03 8.47 -26.45
CA ALA B 197 37.61 8.19 -26.64
C ALA B 197 37.36 8.32 -28.13
N PRO B 198 36.72 7.32 -28.74
CA PRO B 198 36.42 7.30 -30.17
C PRO B 198 35.58 8.47 -30.65
N SER B 199 34.92 9.16 -29.71
CA SER B 199 34.10 10.33 -30.03
C SER B 199 33.54 10.98 -28.79
N ASN B 200 32.64 11.92 -29.00
CA ASN B 200 32.00 12.65 -27.91
C ASN B 200 30.50 12.41 -27.91
N LEU B 201 30.07 11.42 -28.68
CA LEU B 201 28.65 11.09 -28.76
C LEU B 201 28.37 10.01 -27.72
N ALA B 202 27.59 10.38 -26.71
CA ALA B 202 27.24 9.44 -25.64
C ALA B 202 25.83 8.88 -25.79
N VAL B 203 25.60 7.70 -25.22
CA VAL B 203 24.29 7.06 -25.25
C VAL B 203 23.42 7.59 -24.11
N ILE B 204 22.16 7.90 -24.44
CA ILE B 204 21.19 8.46 -23.51
C ILE B 204 20.14 7.42 -23.10
N GLY B 205 19.35 7.73 -22.07
CA GLY B 205 18.30 6.82 -21.64
C GLY B 205 17.14 6.86 -22.61
N ARG B 206 17.36 6.38 -23.83
CA ARG B 206 16.36 6.33 -24.88
C ARG B 206 16.80 5.26 -25.88
N TYR B 207 16.09 4.14 -25.90
CA TYR B 207 16.43 3.04 -26.83
C TYR B 207 15.20 2.61 -27.61
N ILE B 208 15.43 1.60 -28.45
CA ILE B 208 14.42 0.90 -29.25
C ILE B 208 15.20 -0.34 -29.62
N LEU B 209 14.98 -1.38 -28.83
CA LEU B 209 15.69 -2.64 -29.02
C LEU B 209 14.89 -3.72 -29.73
N THR B 210 15.59 -4.50 -30.54
CA THR B 210 15.00 -5.63 -31.24
C THR B 210 15.15 -6.76 -30.23
N PRO B 211 14.12 -7.62 -30.10
CA PRO B 211 14.03 -8.76 -29.19
C PRO B 211 15.26 -9.63 -28.99
N ASP B 212 16.08 -9.76 -30.03
CA ASP B 212 17.26 -10.59 -29.91
C ASP B 212 18.16 -10.12 -28.78
N ILE B 213 18.00 -8.86 -28.37
CA ILE B 213 18.82 -8.31 -27.30
C ILE B 213 18.72 -9.18 -26.05
N PHE B 214 17.51 -9.65 -25.70
CA PHE B 214 17.31 -10.48 -24.51
C PHE B 214 18.30 -11.63 -24.47
N GLU B 215 18.40 -12.39 -25.56
CA GLU B 215 19.34 -13.51 -25.60
C GLU B 215 20.76 -13.02 -25.33
N ILE B 216 21.15 -11.91 -25.96
CA ILE B 216 22.47 -11.35 -25.77
C ILE B 216 22.71 -10.97 -24.31
N LEU B 217 21.70 -10.40 -23.67
CA LEU B 217 21.83 -10.01 -22.27
C LEU B 217 22.08 -11.25 -21.43
N SER B 218 21.31 -12.30 -21.69
CA SER B 218 21.46 -13.55 -20.96
C SER B 218 22.84 -14.16 -21.20
N GLU B 219 23.23 -14.24 -22.47
CA GLU B 219 24.52 -14.78 -22.86
C GLU B 219 25.64 -13.99 -22.19
N THR B 220 25.41 -12.69 -22.03
CA THR B 220 26.38 -11.76 -21.41
C THR B 220 26.90 -12.20 -20.05
N LYS B 221 28.19 -11.93 -19.82
CA LYS B 221 28.87 -12.27 -18.58
C LYS B 221 29.15 -10.99 -17.81
N PRO B 222 28.95 -11.00 -16.48
CA PRO B 222 29.20 -9.82 -15.65
C PRO B 222 30.57 -9.19 -15.90
N GLY B 223 30.62 -7.86 -15.96
CA GLY B 223 31.88 -7.18 -16.21
C GLY B 223 32.30 -6.14 -15.19
N LYS B 224 31.60 -5.01 -15.15
CA LYS B 224 31.93 -3.92 -14.22
C LYS B 224 31.34 -4.13 -12.83
N ASN B 225 31.08 -5.40 -12.51
CA ASN B 225 30.52 -5.85 -11.23
C ASN B 225 30.02 -7.27 -11.49
N ASN B 226 29.21 -7.82 -10.60
CA ASN B 226 28.68 -9.17 -10.82
C ASN B 226 27.50 -9.03 -11.76
N GLU B 227 27.31 -7.81 -12.26
CA GLU B 227 26.20 -7.49 -13.17
C GLU B 227 26.59 -7.42 -14.65
N ILE B 228 25.58 -7.56 -15.50
CA ILE B 228 25.75 -7.48 -16.95
C ILE B 228 25.15 -6.12 -17.31
N GLN B 229 25.76 -5.39 -18.25
CA GLN B 229 25.22 -4.09 -18.63
C GLN B 229 25.17 -3.79 -20.13
N ILE B 230 24.08 -3.12 -20.52
CA ILE B 230 23.78 -2.75 -21.90
C ILE B 230 24.93 -2.35 -22.82
N THR B 231 25.92 -1.60 -22.33
CA THR B 231 26.98 -1.23 -23.23
C THR B 231 27.61 -2.46 -23.89
N ASP B 232 27.95 -3.48 -23.10
CA ASP B 232 28.54 -4.69 -23.67
C ASP B 232 27.57 -5.38 -24.60
N ALA B 233 26.30 -5.39 -24.24
CA ALA B 233 25.27 -6.02 -25.05
C ALA B 233 25.06 -5.26 -26.36
N LEU B 234 24.83 -3.95 -26.24
CA LEU B 234 24.61 -3.12 -27.41
C LEU B 234 25.78 -3.29 -28.38
N ARG B 235 26.98 -3.43 -27.83
CA ARG B 235 28.14 -3.65 -28.66
C ARG B 235 27.83 -4.90 -29.46
N THR B 236 27.83 -6.03 -28.77
CA THR B 236 27.55 -7.31 -29.39
C THR B 236 26.42 -7.24 -30.43
N GLN B 237 25.30 -6.63 -30.04
CA GLN B 237 24.16 -6.54 -30.94
C GLN B 237 24.49 -5.78 -32.20
N ALA B 238 25.17 -4.66 -32.04
CA ALA B 238 25.55 -3.84 -33.18
C ALA B 238 26.53 -4.60 -34.08
N LYS B 239 27.30 -5.49 -33.48
CA LYS B 239 28.26 -6.30 -34.22
C LYS B 239 27.57 -7.45 -34.98
N ARG B 240 26.68 -8.18 -34.30
CA ARG B 240 25.96 -9.29 -34.92
C ARG B 240 24.84 -8.82 -35.85
N LYS B 241 23.96 -7.98 -35.31
CA LYS B 241 22.84 -7.43 -36.07
C LYS B 241 23.23 -6.10 -36.71
N ARG B 242 22.70 -5.04 -36.14
CA ARG B 242 22.94 -3.69 -36.63
C ARG B 242 22.14 -2.79 -35.70
N ILE B 243 22.75 -1.71 -35.23
CA ILE B 243 22.01 -0.77 -34.40
C ILE B 243 22.52 0.63 -34.72
N ILE B 244 21.56 1.52 -34.95
CA ILE B 244 21.83 2.90 -35.33
C ILE B 244 21.74 3.90 -34.17
N ALA B 245 22.68 4.85 -34.14
CA ALA B 245 22.72 5.88 -33.11
C ALA B 245 22.02 7.13 -33.62
N TYR B 246 21.33 7.84 -32.75
CA TYR B 246 20.65 9.04 -33.22
C TYR B 246 20.90 10.26 -32.35
N GLN B 247 21.39 11.31 -32.99
CA GLN B 247 21.68 12.56 -32.33
C GLN B 247 20.39 13.37 -32.35
N PHE B 248 19.64 13.26 -31.26
CA PHE B 248 18.33 13.89 -31.11
C PHE B 248 18.23 15.42 -30.96
N LYS B 249 17.01 15.92 -31.16
CA LYS B 249 16.69 17.34 -31.05
C LYS B 249 15.99 17.58 -29.70
N GLY B 250 16.47 18.56 -28.94
CA GLY B 250 15.89 18.88 -27.63
C GLY B 250 16.87 18.73 -26.49
N LYS B 251 16.55 19.29 -25.32
CA LYS B 251 17.45 19.17 -24.18
C LYS B 251 17.11 18.02 -23.26
N ARG B 252 18.15 17.55 -22.57
CA ARG B 252 18.03 16.44 -21.67
C ARG B 252 18.76 16.78 -20.39
N TYR B 253 18.07 16.63 -19.25
CA TYR B 253 18.66 16.92 -17.93
C TYR B 253 18.87 15.59 -17.22
N ASP B 254 20.10 15.31 -16.81
CA ASP B 254 20.37 14.06 -16.12
C ASP B 254 19.98 14.14 -14.65
N CYS B 255 18.86 13.53 -14.30
CA CYS B 255 18.42 13.56 -12.91
C CYS B 255 18.97 12.35 -12.16
N GLY B 256 20.01 11.75 -12.72
CA GLY B 256 20.64 10.62 -12.06
C GLY B 256 21.52 11.22 -10.99
N SER B 257 21.75 12.52 -11.13
CA SER B 257 22.54 13.29 -10.20
C SER B 257 21.61 14.27 -9.53
N VAL B 258 21.90 14.62 -8.28
CA VAL B 258 21.05 15.57 -7.60
C VAL B 258 21.24 16.93 -8.26
N GLU B 259 22.45 17.18 -8.77
CA GLU B 259 22.68 18.45 -9.42
C GLU B 259 21.74 18.60 -10.61
N GLY B 260 21.72 17.58 -11.46
CA GLY B 260 20.87 17.59 -12.65
C GLY B 260 19.41 17.66 -12.27
N TYR B 261 19.09 17.00 -11.17
CA TYR B 261 17.74 16.97 -10.67
C TYR B 261 17.34 18.40 -10.30
N ILE B 262 18.23 19.10 -9.61
CA ILE B 262 17.97 20.48 -9.20
C ILE B 262 17.81 21.42 -10.38
N GLU B 263 18.66 21.24 -11.38
CA GLU B 263 18.62 22.09 -12.57
C GLU B 263 17.29 21.90 -13.29
N ALA B 264 16.90 20.64 -13.42
CA ALA B 264 15.66 20.28 -14.09
C ALA B 264 14.51 21.10 -13.53
N SER B 265 14.27 20.95 -12.23
CA SER B 265 13.19 21.65 -11.55
C SER B 265 13.25 23.15 -11.72
N ASN B 266 14.45 23.72 -11.68
CA ASN B 266 14.59 25.16 -11.86
C ASN B 266 14.15 25.49 -13.27
N ALA B 267 14.67 24.71 -14.21
CA ALA B 267 14.37 24.88 -15.61
C ALA B 267 12.86 24.86 -15.84
N TYR B 268 12.20 23.83 -15.32
CA TYR B 268 10.76 23.69 -15.47
C TYR B 268 9.96 24.71 -14.67
N TYR B 269 10.60 25.32 -13.68
CA TYR B 269 9.91 26.33 -12.90
C TYR B 269 9.87 27.62 -13.71
N LYS B 270 11.02 28.02 -14.24
CA LYS B 270 11.08 29.24 -15.06
C LYS B 270 10.06 29.06 -16.17
N LYS B 271 10.18 27.93 -16.88
CA LYS B 271 9.32 27.59 -17.99
C LYS B 271 7.83 27.79 -17.66
N ARG B 272 7.53 27.92 -16.37
CA ARG B 272 6.15 28.13 -15.94
C ARG B 272 5.77 29.61 -15.94
N LEU B 273 5.04 30.01 -16.99
CA LEU B 273 4.60 31.38 -17.16
C LEU B 273 3.72 31.50 -18.42
N MET C 1 4.57 -27.13 -25.59
CA MET C 1 4.38 -26.91 -24.13
C MET C 1 3.91 -25.48 -23.84
N ILE C 2 2.80 -25.37 -23.11
CA ILE C 2 2.23 -24.07 -22.74
C ILE C 2 2.98 -23.58 -21.51
N LYS C 3 3.38 -22.32 -21.52
CA LYS C 3 4.13 -21.77 -20.40
C LYS C 3 3.48 -20.62 -19.64
N LYS C 4 2.54 -19.94 -20.26
CA LYS C 4 1.86 -18.83 -19.60
C LYS C 4 0.48 -19.22 -19.12
N CYS C 5 0.05 -18.63 -18.01
CA CYS C 5 -1.29 -18.87 -17.49
C CYS C 5 -1.88 -17.55 -17.01
N LEU C 6 -2.96 -17.14 -17.67
CA LEU C 6 -3.66 -15.90 -17.37
C LEU C 6 -4.60 -16.07 -16.17
N PHE C 7 -4.47 -15.21 -15.18
CA PHE C 7 -5.34 -15.29 -14.02
C PHE C 7 -6.21 -14.04 -13.96
N PRO C 8 -7.41 -14.11 -14.53
CA PRO C 8 -8.36 -13.00 -14.56
C PRO C 8 -8.88 -12.57 -13.21
N ALA C 9 -8.00 -12.04 -12.36
CA ALA C 9 -8.40 -11.59 -11.04
C ALA C 9 -8.72 -10.09 -11.09
N ALA C 10 -9.82 -9.73 -11.73
CA ALA C 10 -10.19 -8.32 -11.82
C ALA C 10 -11.59 -7.99 -11.32
N GLY C 11 -12.40 -9.02 -11.06
CA GLY C 11 -13.76 -8.83 -10.57
C GLY C 11 -13.81 -7.99 -9.31
N TYR C 12 -15.01 -7.78 -8.77
CA TYR C 12 -15.12 -6.99 -7.54
C TYR C 12 -15.45 -7.86 -6.35
N GLY C 13 -15.86 -9.11 -6.60
CA GLY C 13 -16.21 -10.02 -5.52
C GLY C 13 -17.33 -9.50 -4.65
N THR C 14 -18.21 -8.70 -5.25
CA THR C 14 -19.34 -8.09 -4.57
C THR C 14 -20.05 -9.03 -3.60
N ARG C 15 -20.17 -10.28 -3.99
CA ARG C 15 -20.84 -11.28 -3.16
C ARG C 15 -20.09 -11.54 -1.86
N PHE C 16 -18.89 -10.98 -1.74
CA PHE C 16 -18.11 -11.15 -0.53
C PHE C 16 -17.82 -9.85 0.16
N LEU C 17 -18.60 -8.83 -0.16
CA LEU C 17 -18.41 -7.55 0.49
C LEU C 17 -18.79 -7.85 1.93
N PRO C 18 -18.31 -7.06 2.89
CA PRO C 18 -17.43 -5.88 2.77
C PRO C 18 -15.93 -6.16 2.74
N ILE C 19 -15.49 -7.27 3.32
CA ILE C 19 -14.05 -7.57 3.37
C ILE C 19 -13.37 -7.41 2.02
N THR C 20 -14.07 -7.81 0.99
CA THR C 20 -13.57 -7.76 -0.36
C THR C 20 -13.29 -6.36 -0.91
N LYS C 21 -13.56 -5.33 -0.12
CA LYS C 21 -13.34 -3.95 -0.54
C LYS C 21 -11.90 -3.56 -0.21
N THR C 22 -11.19 -4.46 0.47
CA THR C 22 -9.80 -4.25 0.85
C THR C 22 -8.99 -5.47 0.47
N ILE C 23 -9.53 -6.66 0.76
CA ILE C 23 -8.85 -7.90 0.41
C ILE C 23 -9.50 -8.51 -0.84
N PRO C 24 -8.73 -8.64 -1.93
CA PRO C 24 -9.24 -9.20 -3.18
C PRO C 24 -9.75 -10.62 -3.05
N LYS C 25 -10.83 -10.90 -3.76
CA LYS C 25 -11.46 -12.21 -3.74
C LYS C 25 -10.47 -13.37 -3.80
N GLU C 26 -9.54 -13.33 -4.75
CA GLU C 26 -8.59 -14.44 -4.88
C GLU C 26 -7.65 -14.59 -3.67
N MET C 27 -7.64 -13.61 -2.79
CA MET C 27 -6.77 -13.68 -1.61
C MET C 27 -7.44 -14.28 -0.38
N LEU C 28 -8.76 -14.43 -0.41
CA LEU C 28 -9.50 -15.02 0.71
C LEU C 28 -8.96 -16.42 0.91
N PRO C 29 -8.61 -16.76 2.16
CA PRO C 29 -8.07 -18.08 2.44
C PRO C 29 -9.05 -19.21 2.40
N ILE C 30 -8.51 -20.40 2.20
CA ILE C 30 -9.36 -21.55 2.26
C ILE C 30 -9.09 -21.92 3.71
N VAL C 31 -8.00 -22.59 3.98
CA VAL C 31 -7.70 -22.92 5.36
C VAL C 31 -6.75 -21.81 5.77
N ASP C 32 -5.50 -21.98 5.38
CA ASP C 32 -4.43 -21.05 5.66
C ASP C 32 -3.74 -20.63 4.35
N LYS C 33 -4.40 -20.92 3.23
CA LYS C 33 -3.88 -20.57 1.91
C LYS C 33 -4.91 -19.79 1.09
N PRO C 34 -4.45 -18.78 0.33
CA PRO C 34 -5.34 -17.96 -0.50
C PRO C 34 -5.85 -18.74 -1.69
N LEU C 35 -7.09 -18.48 -2.06
CA LEU C 35 -7.72 -19.11 -3.21
C LEU C 35 -6.78 -19.14 -4.42
N ILE C 36 -6.00 -18.07 -4.57
CA ILE C 36 -5.07 -17.94 -5.69
C ILE C 36 -3.85 -18.83 -5.62
N GLN C 37 -3.38 -19.16 -4.42
CA GLN C 37 -2.21 -20.02 -4.32
C GLN C 37 -2.57 -21.38 -4.93
N TYR C 38 -3.75 -21.89 -4.57
CA TYR C 38 -4.21 -23.17 -5.09
C TYR C 38 -4.12 -23.14 -6.62
N ALA C 39 -4.74 -22.13 -7.23
CA ALA C 39 -4.74 -21.96 -8.67
C ALA C 39 -3.33 -21.92 -9.26
N VAL C 40 -2.48 -21.08 -8.69
CA VAL C 40 -1.11 -20.95 -9.17
C VAL C 40 -0.35 -22.27 -9.05
N GLU C 41 -0.63 -23.02 -7.99
CA GLU C 41 0.05 -24.28 -7.79
C GLU C 41 -0.37 -25.26 -8.87
N GLU C 42 -1.63 -25.19 -9.27
CA GLU C 42 -2.16 -26.07 -10.30
C GLU C 42 -1.53 -25.68 -11.63
N ALA C 43 -1.42 -24.37 -11.86
CA ALA C 43 -0.84 -23.86 -13.09
C ALA C 43 0.57 -24.40 -13.22
N MET C 44 1.36 -24.19 -12.16
CA MET C 44 2.74 -24.64 -12.11
C MET C 44 2.85 -26.13 -12.41
N GLU C 45 2.09 -26.93 -11.66
CA GLU C 45 2.07 -28.38 -11.85
C GLU C 45 1.78 -28.79 -13.29
N ALA C 46 1.03 -27.94 -13.99
CA ALA C 46 0.69 -28.22 -15.38
C ALA C 46 1.85 -27.92 -16.32
N GLY C 47 2.89 -27.27 -15.80
CA GLY C 47 4.05 -26.93 -16.60
C GLY C 47 4.26 -25.46 -16.91
N CYS C 48 3.43 -24.59 -16.35
CA CYS C 48 3.55 -23.17 -16.62
C CYS C 48 4.64 -22.52 -15.77
N GLU C 49 5.34 -21.54 -16.36
CA GLU C 49 6.42 -20.83 -15.70
C GLU C 49 6.12 -19.35 -15.51
N VAL C 50 5.28 -18.81 -16.38
CA VAL C 50 4.91 -17.40 -16.28
C VAL C 50 3.47 -17.30 -15.81
N MET C 51 3.24 -16.61 -14.70
CA MET C 51 1.89 -16.44 -14.19
C MET C 51 1.40 -15.02 -14.45
N ALA C 52 0.67 -14.83 -15.55
CA ALA C 52 0.15 -13.52 -15.90
C ALA C 52 -1.13 -13.28 -15.11
N ILE C 53 -1.10 -12.24 -14.27
CA ILE C 53 -2.26 -11.92 -13.45
C ILE C 53 -2.84 -10.55 -13.77
N VAL C 54 -4.07 -10.54 -14.25
CA VAL C 54 -4.77 -9.29 -14.56
C VAL C 54 -5.31 -8.81 -13.24
N THR C 55 -5.24 -7.52 -12.95
CA THR C 55 -5.78 -7.07 -11.67
C THR C 55 -6.54 -5.75 -11.76
N GLY C 56 -7.11 -5.39 -10.61
CA GLY C 56 -7.86 -4.16 -10.48
C GLY C 56 -7.14 -3.21 -9.55
N ARG C 57 -7.87 -2.45 -8.74
CA ARG C 57 -7.26 -1.48 -7.84
C ARG C 57 -6.71 -2.05 -6.52
N ASN C 58 -7.21 -3.22 -6.12
CA ASN C 58 -6.76 -3.91 -4.90
C ASN C 58 -5.74 -5.01 -5.17
N LYS C 59 -4.70 -4.66 -5.92
CA LYS C 59 -3.67 -5.62 -6.25
C LYS C 59 -2.64 -5.83 -5.14
N ARG C 60 -2.26 -4.77 -4.45
CA ARG C 60 -1.26 -4.85 -3.37
C ARG C 60 -1.22 -6.22 -2.70
N SER C 61 -2.33 -6.66 -2.11
CA SER C 61 -2.38 -7.95 -1.43
C SER C 61 -1.93 -9.09 -2.35
N LEU C 62 -2.50 -9.11 -3.55
CA LEU C 62 -2.21 -10.14 -4.56
C LEU C 62 -0.77 -10.11 -5.06
N GLU C 63 -0.22 -8.92 -5.25
CA GLU C 63 1.15 -8.77 -5.72
C GLU C 63 2.15 -9.06 -4.62
N ASP C 64 1.86 -8.58 -3.41
CA ASP C 64 2.75 -8.79 -2.28
C ASP C 64 2.93 -10.26 -1.96
N TYR C 65 1.84 -11.02 -2.07
CA TYR C 65 1.89 -12.44 -1.75
C TYR C 65 2.93 -13.19 -2.55
N PHE C 66 3.09 -12.83 -3.82
CA PHE C 66 4.04 -13.51 -4.67
C PHE C 66 5.40 -12.84 -4.84
N ASP C 67 5.66 -11.81 -4.05
CA ASP C 67 6.94 -11.14 -4.12
C ASP C 67 7.84 -11.72 -3.03
N THR C 68 9.14 -11.70 -3.28
CA THR C 68 10.10 -12.23 -2.34
C THR C 68 10.47 -11.23 -1.26
N SER C 69 10.34 -11.65 0.01
CA SER C 69 10.68 -10.81 1.15
C SER C 69 11.37 -11.70 2.17
N TYR C 70 11.70 -11.14 3.34
CA TYR C 70 12.38 -11.93 4.35
C TYR C 70 11.99 -11.48 5.74
N GLU C 71 11.32 -10.34 5.84
CA GLU C 71 10.91 -9.77 7.13
C GLU C 71 10.00 -10.72 7.91
N ILE C 72 8.83 -11.03 7.35
CA ILE C 72 7.89 -11.94 8.00
C ILE C 72 8.09 -13.35 7.42
N GLU C 73 9.26 -13.56 6.82
CA GLU C 73 9.61 -14.85 6.21
C GLU C 73 10.49 -15.69 7.15
N HIS C 74 11.80 -15.66 6.93
CA HIS C 74 12.77 -16.43 7.72
C HIS C 74 12.68 -16.17 9.23
N GLN C 75 11.99 -15.10 9.60
CA GLN C 75 11.83 -14.67 10.99
C GLN C 75 11.45 -15.73 12.03
N ILE C 76 10.15 -15.95 12.21
CA ILE C 76 9.65 -16.90 13.21
C ILE C 76 9.93 -18.38 12.88
N GLN C 77 11.21 -18.69 12.66
CA GLN C 77 11.62 -20.06 12.34
C GLN C 77 12.07 -20.82 13.59
N GLY C 78 11.60 -20.38 14.75
CA GLY C 78 11.93 -21.05 16.00
C GLY C 78 10.86 -22.09 16.28
N THR C 79 9.70 -21.88 15.67
CA THR C 79 8.55 -22.77 15.80
C THR C 79 8.55 -23.69 14.57
N ASN C 80 7.97 -24.89 14.72
CA ASN C 80 7.90 -25.86 13.64
C ASN C 80 7.39 -25.23 12.34
N LYS C 81 6.71 -24.08 12.48
CA LYS C 81 6.16 -23.38 11.32
C LYS C 81 7.21 -22.61 10.53
N GLU C 82 7.74 -23.31 9.54
CA GLU C 82 8.74 -22.83 8.61
C GLU C 82 8.68 -23.88 7.52
N ASN C 83 7.69 -24.76 7.68
CA ASN C 83 7.40 -25.84 6.75
C ASN C 83 6.15 -25.39 6.04
N ALA C 84 5.44 -24.48 6.71
CA ALA C 84 4.20 -23.92 6.19
C ALA C 84 4.51 -22.98 5.04
N LEU C 85 5.77 -22.59 4.93
CA LEU C 85 6.18 -21.68 3.87
C LEU C 85 6.88 -22.39 2.72
N LYS C 86 7.03 -23.70 2.83
CA LYS C 86 7.70 -24.48 1.79
C LYS C 86 7.12 -24.34 0.38
N SER C 87 5.82 -24.58 0.25
CA SER C 87 5.14 -24.52 -1.06
C SER C 87 5.21 -23.15 -1.72
N ILE C 88 4.62 -22.16 -1.06
CA ILE C 88 4.58 -20.80 -1.57
C ILE C 88 5.97 -20.32 -1.90
N ARG C 89 6.91 -20.54 -0.99
CA ARG C 89 8.29 -20.12 -1.19
C ARG C 89 8.82 -20.74 -2.47
N ASN C 90 8.53 -22.02 -2.66
CA ASN C 90 8.99 -22.74 -3.85
C ASN C 90 8.33 -22.16 -5.10
N ILE C 91 7.08 -21.72 -4.98
CA ILE C 91 6.37 -21.13 -6.10
C ILE C 91 7.09 -19.85 -6.49
N ILE C 92 7.34 -19.02 -5.48
CA ILE C 92 8.01 -17.75 -5.67
C ILE C 92 9.38 -17.85 -6.33
N GLU C 93 10.15 -18.86 -5.98
CA GLU C 93 11.48 -19.00 -6.58
C GLU C 93 11.46 -19.85 -7.85
N LYS C 94 10.30 -20.39 -8.22
CA LYS C 94 10.21 -21.21 -9.43
C LYS C 94 9.38 -20.59 -10.54
N CYS C 95 8.47 -19.70 -10.16
CA CYS C 95 7.61 -19.07 -11.15
C CYS C 95 7.97 -17.62 -11.37
N CYS C 96 7.46 -17.07 -12.46
CA CYS C 96 7.68 -15.69 -12.81
C CYS C 96 6.34 -15.00 -12.90
N PHE C 97 6.07 -14.06 -12.00
CA PHE C 97 4.79 -13.35 -12.02
C PHE C 97 4.86 -12.07 -12.81
N SER C 98 3.75 -11.72 -13.44
CA SER C 98 3.65 -10.50 -14.24
C SER C 98 2.23 -10.00 -14.07
N TYR C 99 2.04 -8.68 -14.10
CA TYR C 99 0.70 -8.12 -13.92
C TYR C 99 0.34 -7.07 -14.93
N VAL C 100 -0.96 -6.85 -15.10
CA VAL C 100 -1.44 -5.85 -16.03
C VAL C 100 -2.70 -5.28 -15.43
N ARG C 101 -2.66 -4.01 -15.08
CA ARG C 101 -3.79 -3.34 -14.48
C ARG C 101 -4.94 -3.16 -15.48
N GLN C 102 -6.13 -3.62 -15.11
CA GLN C 102 -7.32 -3.48 -15.95
C GLN C 102 -8.07 -2.28 -15.39
N LYS C 103 -8.63 -1.45 -16.29
CA LYS C 103 -9.34 -0.25 -15.88
C LYS C 103 -10.71 -0.43 -15.19
N GLN C 104 -11.51 -1.39 -15.68
CA GLN C 104 -12.84 -1.65 -15.10
C GLN C 104 -13.37 -3.01 -15.54
N MET C 105 -13.73 -3.87 -14.59
CA MET C 105 -14.24 -5.20 -14.97
C MET C 105 -15.42 -5.12 -15.91
N LYS C 106 -15.25 -5.74 -17.08
CA LYS C 106 -16.27 -5.77 -18.10
C LYS C 106 -16.43 -7.22 -18.56
N GLY C 107 -16.12 -8.14 -17.65
CA GLY C 107 -16.25 -9.55 -17.97
C GLY C 107 -14.95 -10.28 -18.22
N LEU C 108 -15.06 -11.60 -18.25
CA LEU C 108 -13.93 -12.49 -18.47
C LEU C 108 -13.39 -12.29 -19.88
N GLY C 109 -14.29 -11.94 -20.79
CA GLY C 109 -13.87 -11.72 -22.17
C GLY C 109 -12.96 -10.52 -22.21
N HIS C 110 -13.45 -9.42 -21.67
CA HIS C 110 -12.67 -8.19 -21.66
C HIS C 110 -11.33 -8.37 -20.94
N ALA C 111 -11.34 -9.19 -19.90
CA ALA C 111 -10.13 -9.47 -19.14
C ALA C 111 -9.14 -10.27 -19.97
N ILE C 112 -9.62 -11.30 -20.65
CA ILE C 112 -8.74 -12.11 -21.47
C ILE C 112 -8.01 -11.20 -22.48
N LEU C 113 -8.66 -10.11 -22.91
CA LEU C 113 -8.04 -9.21 -23.86
C LEU C 113 -6.89 -8.45 -23.22
N THR C 114 -7.20 -7.73 -22.15
CA THR C 114 -6.19 -6.98 -21.44
C THR C 114 -4.97 -7.86 -21.24
N GLY C 115 -5.19 -9.10 -20.79
CA GLY C 115 -4.09 -10.01 -20.56
C GLY C 115 -3.18 -10.25 -21.74
N GLU C 116 -3.66 -9.97 -22.95
CA GLU C 116 -2.84 -10.19 -24.12
C GLU C 116 -1.48 -9.57 -23.93
N ALA C 117 -1.48 -8.38 -23.32
CA ALA C 117 -0.25 -7.63 -23.07
C ALA C 117 0.74 -8.44 -22.26
N LEU C 118 0.33 -9.60 -21.75
CA LEU C 118 1.24 -10.42 -20.98
C LEU C 118 1.50 -11.76 -21.64
N ILE C 119 0.51 -12.23 -22.38
CA ILE C 119 0.62 -13.51 -23.07
C ILE C 119 1.20 -13.29 -24.45
N GLY C 120 0.85 -12.15 -25.03
CA GLY C 120 1.33 -11.84 -26.35
C GLY C 120 0.62 -12.64 -27.42
N ASN C 121 1.38 -13.49 -28.12
CA ASN C 121 0.81 -14.29 -29.19
C ASN C 121 1.24 -15.75 -29.22
N GLU C 122 0.64 -16.51 -28.32
CA GLU C 122 0.88 -17.93 -28.20
C GLU C 122 -0.20 -18.59 -27.35
N PRO C 123 -0.47 -19.88 -27.58
CA PRO C 123 -1.50 -20.54 -26.78
C PRO C 123 -1.19 -20.30 -25.32
N PHE C 124 -2.24 -20.20 -24.50
CA PHE C 124 -2.03 -19.94 -23.09
C PHE C 124 -3.15 -20.52 -22.27
N ALA C 125 -2.87 -20.83 -21.00
CA ALA C 125 -3.89 -21.37 -20.11
C ALA C 125 -4.57 -20.22 -19.37
N VAL C 126 -5.80 -20.47 -18.90
CA VAL C 126 -6.55 -19.47 -18.14
C VAL C 126 -7.15 -20.19 -16.96
N ILE C 127 -7.10 -19.57 -15.79
CA ILE C 127 -7.62 -20.16 -14.58
C ILE C 127 -8.39 -19.13 -13.76
N LEU C 128 -9.56 -19.51 -13.25
CA LEU C 128 -10.34 -18.61 -12.44
C LEU C 128 -10.25 -19.15 -11.04
N ALA C 129 -9.34 -18.59 -10.24
CA ALA C 129 -9.13 -19.02 -8.86
C ALA C 129 -10.43 -19.28 -8.07
N ASP C 130 -11.53 -18.71 -8.52
CA ASP C 130 -12.82 -18.92 -7.85
C ASP C 130 -13.32 -20.34 -8.02
N ASP C 131 -12.81 -21.03 -9.04
CA ASP C 131 -13.19 -22.42 -9.25
C ASP C 131 -12.04 -23.21 -8.67
N LEU C 132 -12.19 -23.56 -7.40
CA LEU C 132 -11.18 -24.32 -6.69
C LEU C 132 -11.35 -25.77 -7.06
N CYS C 133 -10.39 -26.30 -7.80
CA CYS C 133 -10.47 -27.69 -8.22
C CYS C 133 -9.44 -28.52 -7.49
N ILE C 134 -9.84 -29.75 -7.17
CA ILE C 134 -8.95 -30.68 -6.48
C ILE C 134 -9.18 -32.06 -7.05
N SER C 135 -8.10 -32.83 -7.19
CA SER C 135 -8.24 -34.16 -7.76
C SER C 135 -7.68 -35.32 -6.95
N HIS C 136 -8.55 -36.30 -6.78
CA HIS C 136 -8.29 -37.57 -6.09
C HIS C 136 -7.37 -38.43 -6.96
N ASP C 137 -6.12 -38.58 -6.55
CA ASP C 137 -5.15 -39.38 -7.31
C ASP C 137 -5.25 -39.21 -8.84
N HIS C 138 -5.23 -37.97 -9.30
CA HIS C 138 -5.29 -37.63 -10.71
C HIS C 138 -4.54 -36.32 -10.89
N PRO C 139 -3.97 -36.09 -12.07
CA PRO C 139 -3.23 -34.84 -12.28
C PRO C 139 -4.14 -33.66 -12.04
N SER C 140 -3.56 -32.50 -11.76
CA SER C 140 -4.37 -31.31 -11.55
C SER C 140 -5.26 -31.16 -12.77
N VAL C 141 -6.28 -30.32 -12.70
CA VAL C 141 -7.15 -30.14 -13.84
C VAL C 141 -6.48 -29.45 -15.04
N LEU C 142 -5.75 -28.37 -14.78
CA LEU C 142 -5.10 -27.65 -15.85
C LEU C 142 -4.07 -28.55 -16.54
N LYS C 143 -3.45 -29.43 -15.76
CA LYS C 143 -2.45 -30.38 -16.27
C LYS C 143 -3.09 -31.35 -17.27
N GLN C 144 -4.18 -32.00 -16.84
CA GLN C 144 -4.92 -32.90 -17.71
C GLN C 144 -5.11 -32.14 -19.00
N MET C 145 -5.55 -30.89 -18.87
CA MET C 145 -5.79 -30.03 -20.02
C MET C 145 -4.56 -29.72 -20.87
N THR C 146 -3.47 -29.25 -20.26
CA THR C 146 -2.27 -28.96 -21.04
C THR C 146 -1.78 -30.21 -21.75
N SER C 147 -1.85 -31.34 -21.06
CA SER C 147 -1.42 -32.60 -21.63
C SER C 147 -2.27 -33.00 -22.84
N LEU C 148 -3.58 -32.78 -22.74
CA LEU C 148 -4.51 -33.09 -23.81
C LEU C 148 -4.18 -32.19 -25.00
N TYR C 149 -3.64 -31.02 -24.71
CA TYR C 149 -3.28 -30.04 -25.74
C TYR C 149 -2.14 -30.54 -26.61
N GLN C 150 -1.25 -31.33 -26.01
CA GLN C 150 -0.11 -31.90 -26.72
C GLN C 150 -0.62 -32.70 -27.89
N LYS C 151 -1.84 -33.21 -27.75
CA LYS C 151 -2.46 -34.02 -28.79
C LYS C 151 -3.37 -33.20 -29.69
N TYR C 152 -4.35 -32.51 -29.11
CA TYR C 152 -5.31 -31.75 -29.88
C TYR C 152 -4.92 -30.43 -30.52
N GLN C 153 -3.91 -29.75 -30.00
CA GLN C 153 -3.48 -28.48 -30.58
C GLN C 153 -4.59 -27.46 -30.82
N CYS C 154 -5.44 -27.25 -29.82
CA CYS C 154 -6.51 -26.26 -29.97
C CYS C 154 -7.07 -25.82 -28.63
N SER C 155 -7.91 -24.78 -28.68
CA SER C 155 -8.53 -24.25 -27.48
C SER C 155 -9.31 -25.38 -26.80
N ILE C 156 -9.12 -25.48 -25.49
CA ILE C 156 -9.79 -26.51 -24.72
C ILE C 156 -10.54 -25.89 -23.57
N VAL C 157 -11.87 -25.86 -23.67
CA VAL C 157 -12.66 -25.29 -22.58
C VAL C 157 -13.18 -26.44 -21.71
N ALA C 158 -12.81 -26.43 -20.44
CA ALA C 158 -13.22 -27.47 -19.50
C ALA C 158 -14.71 -27.47 -19.21
N ILE C 159 -15.27 -28.67 -19.09
CA ILE C 159 -16.68 -28.79 -18.79
C ILE C 159 -16.94 -29.78 -17.65
N GLU C 160 -18.17 -29.78 -17.16
CA GLU C 160 -18.57 -30.64 -16.07
C GLU C 160 -20.08 -30.79 -16.17
N GLU C 161 -20.55 -32.03 -16.05
CA GLU C 161 -21.98 -32.30 -16.15
C GLU C 161 -22.71 -31.78 -14.92
N VAL C 162 -23.70 -30.93 -15.15
CA VAL C 162 -24.48 -30.39 -14.05
C VAL C 162 -25.85 -31.06 -14.05
N ALA C 163 -26.67 -30.73 -13.06
CA ALA C 163 -27.99 -31.31 -12.96
C ALA C 163 -29.01 -30.67 -13.86
N LEU C 164 -29.85 -31.53 -14.40
CA LEU C 164 -30.95 -31.21 -15.30
C LEU C 164 -31.54 -29.78 -15.23
N GLU C 165 -31.57 -29.17 -14.04
CA GLU C 165 -32.13 -27.82 -13.95
C GLU C 165 -31.14 -26.70 -13.59
N GLU C 166 -29.96 -27.08 -13.10
CA GLU C 166 -28.95 -26.10 -12.74
C GLU C 166 -28.33 -25.48 -13.98
N VAL C 167 -28.85 -25.85 -15.15
CA VAL C 167 -28.32 -25.37 -16.41
C VAL C 167 -28.37 -23.87 -16.62
N SER C 168 -29.51 -23.25 -16.32
CA SER C 168 -29.67 -21.82 -16.50
C SER C 168 -28.64 -21.00 -15.73
N LYS C 169 -27.66 -21.67 -15.13
CA LYS C 169 -26.66 -20.95 -14.36
C LYS C 169 -25.26 -21.06 -14.95
N TYR C 170 -25.14 -21.71 -16.11
CA TYR C 170 -23.85 -21.87 -16.75
C TYR C 170 -23.90 -21.65 -18.24
N GLY C 171 -22.74 -21.75 -18.87
CA GLY C 171 -22.65 -21.62 -20.30
C GLY C 171 -22.58 -23.06 -20.71
N VAL C 172 -23.55 -23.50 -21.49
CA VAL C 172 -23.65 -24.89 -21.91
C VAL C 172 -23.10 -25.14 -23.30
N ILE C 173 -22.56 -26.34 -23.47
CA ILE C 173 -21.97 -26.76 -24.74
C ILE C 173 -22.84 -27.69 -25.58
N ARG C 174 -22.73 -27.58 -26.90
CA ARG C 174 -23.43 -28.50 -27.79
C ARG C 174 -22.27 -29.18 -28.46
N GLY C 175 -22.04 -30.44 -28.15
CA GLY C 175 -20.90 -31.08 -28.73
C GLY C 175 -21.12 -32.37 -29.47
N GLU C 176 -19.98 -32.96 -29.83
CA GLU C 176 -19.94 -34.20 -30.52
C GLU C 176 -18.84 -34.98 -29.84
N TRP C 177 -19.21 -36.08 -29.24
CA TRP C 177 -18.26 -36.93 -28.54
C TRP C 177 -17.13 -37.35 -29.48
N LEU C 178 -15.90 -37.26 -29.00
CA LEU C 178 -14.74 -37.67 -29.80
C LEU C 178 -14.08 -38.88 -29.14
N GLU C 179 -13.94 -38.80 -27.83
CA GLU C 179 -13.33 -39.86 -27.06
C GLU C 179 -13.60 -39.61 -25.58
N GLU C 180 -13.30 -40.59 -24.74
CA GLU C 180 -13.48 -40.49 -23.30
C GLU C 180 -13.31 -39.07 -22.76
N GLY C 181 -14.43 -38.45 -22.42
CA GLY C 181 -14.42 -37.09 -21.87
C GLY C 181 -13.98 -35.96 -22.78
N VAL C 182 -14.00 -36.17 -24.09
CA VAL C 182 -13.59 -35.14 -25.04
C VAL C 182 -14.63 -34.87 -26.11
N TYR C 183 -15.04 -33.63 -26.25
CA TYR C 183 -16.04 -33.30 -27.26
C TYR C 183 -15.56 -32.21 -28.20
N GLU C 184 -16.04 -32.24 -29.44
CA GLU C 184 -15.71 -31.16 -30.35
C GLU C 184 -16.85 -30.19 -30.08
N ILE C 185 -16.56 -28.91 -29.88
CA ILE C 185 -17.59 -27.95 -29.58
C ILE C 185 -18.32 -27.48 -30.82
N LYS C 186 -19.58 -27.88 -30.95
CA LYS C 186 -20.35 -27.46 -32.12
C LYS C 186 -20.99 -26.10 -31.82
N ASP C 187 -21.18 -25.80 -30.53
CA ASP C 187 -21.82 -24.53 -30.18
C ASP C 187 -21.74 -24.29 -28.67
N MET C 188 -22.11 -23.08 -28.24
CA MET C 188 -22.09 -22.74 -26.82
C MET C 188 -23.17 -21.74 -26.46
N VAL C 189 -24.15 -22.16 -25.66
CA VAL C 189 -25.22 -21.26 -25.26
C VAL C 189 -25.02 -20.83 -23.79
N GLU C 190 -25.16 -19.54 -23.53
CA GLU C 190 -24.97 -19.02 -22.17
C GLU C 190 -26.25 -19.05 -21.35
N LYS C 191 -26.14 -19.61 -20.14
CA LYS C 191 -27.25 -19.72 -19.20
C LYS C 191 -28.58 -19.90 -19.92
N PRO C 192 -28.84 -21.10 -20.46
CA PRO C 192 -30.09 -21.39 -21.18
C PRO C 192 -31.18 -21.91 -20.27
N ASN C 193 -32.36 -22.07 -20.83
CA ASN C 193 -33.46 -22.63 -20.06
C ASN C 193 -33.16 -24.12 -19.95
N GLN C 194 -34.07 -24.85 -19.34
CA GLN C 194 -33.90 -26.28 -19.21
C GLN C 194 -34.42 -26.85 -20.53
N GLU C 195 -35.50 -26.24 -21.03
CA GLU C 195 -36.09 -26.67 -22.28
C GLU C 195 -35.32 -26.14 -23.48
N ASP C 196 -34.16 -25.55 -23.23
CA ASP C 196 -33.35 -25.00 -24.30
C ASP C 196 -31.90 -25.44 -24.28
N ALA C 197 -31.40 -25.80 -23.11
CA ALA C 197 -30.00 -26.24 -23.00
C ALA C 197 -29.75 -27.47 -23.85
N PRO C 198 -28.85 -27.37 -24.84
CA PRO C 198 -28.52 -28.48 -25.73
C PRO C 198 -27.80 -29.61 -25.01
N SER C 199 -27.40 -29.37 -23.77
CA SER C 199 -26.74 -30.41 -22.98
C SER C 199 -26.70 -29.93 -21.53
N ASN C 200 -26.04 -30.70 -20.67
CA ASN C 200 -25.91 -30.32 -19.27
C ASN C 200 -24.42 -30.26 -18.95
N LEU C 201 -23.62 -30.10 -20.00
CA LEU C 201 -22.18 -29.99 -19.88
C LEU C 201 -21.87 -28.51 -19.70
N ALA C 202 -21.74 -28.07 -18.45
CA ALA C 202 -21.47 -26.68 -18.16
C ALA C 202 -19.99 -26.36 -18.20
N VAL C 203 -19.66 -25.11 -18.54
CA VAL C 203 -18.27 -24.70 -18.62
C VAL C 203 -17.74 -24.23 -17.26
N ILE C 204 -16.54 -24.70 -16.93
CA ILE C 204 -15.87 -24.37 -15.67
C ILE C 204 -14.81 -23.31 -15.95
N GLY C 205 -14.12 -22.83 -14.92
CA GLY C 205 -13.10 -21.83 -15.14
C GLY C 205 -11.73 -22.39 -15.49
N ARG C 206 -11.66 -23.21 -16.53
CA ARG C 206 -10.40 -23.78 -16.96
C ARG C 206 -10.29 -23.83 -18.47
N TYR C 207 -9.52 -22.92 -19.03
CA TYR C 207 -9.35 -22.85 -20.48
C TYR C 207 -7.90 -23.00 -20.92
N ILE C 208 -7.75 -23.14 -22.23
CA ILE C 208 -6.46 -23.18 -22.91
C ILE C 208 -6.91 -22.59 -24.24
N LEU C 209 -6.47 -21.37 -24.51
CA LEU C 209 -6.88 -20.66 -25.71
C LEU C 209 -5.72 -20.37 -26.66
N THR C 210 -6.03 -20.43 -27.96
CA THR C 210 -5.03 -20.14 -28.97
C THR C 210 -5.12 -18.63 -29.26
N PRO C 211 -3.97 -17.99 -29.49
CA PRO C 211 -3.80 -16.56 -29.78
C PRO C 211 -4.90 -15.89 -30.58
N ASP C 212 -5.43 -16.59 -31.57
CA ASP C 212 -6.47 -15.99 -32.39
C ASP C 212 -7.68 -15.55 -31.58
N ILE C 213 -7.80 -16.08 -30.37
CA ILE C 213 -8.91 -15.70 -29.52
C ILE C 213 -8.88 -14.20 -29.26
N PHE C 214 -7.68 -13.64 -29.18
CA PHE C 214 -7.49 -12.20 -28.94
C PHE C 214 -8.10 -11.39 -30.08
N GLU C 215 -7.75 -11.80 -31.31
CA GLU C 215 -8.26 -11.15 -32.50
C GLU C 215 -9.79 -11.24 -32.52
N ILE C 216 -10.31 -12.41 -32.13
CA ILE C 216 -11.75 -12.64 -32.11
C ILE C 216 -12.41 -11.84 -31.00
N LEU C 217 -11.76 -11.76 -29.84
CA LEU C 217 -12.31 -11.00 -28.72
C LEU C 217 -12.54 -9.55 -29.10
N SER C 218 -11.49 -8.89 -29.60
CA SER C 218 -11.58 -7.48 -29.98
C SER C 218 -12.64 -7.21 -31.03
N GLU C 219 -12.95 -8.23 -31.82
CA GLU C 219 -13.95 -8.11 -32.87
C GLU C 219 -15.36 -8.41 -32.36
N THR C 220 -15.46 -9.05 -31.19
CA THR C 220 -16.76 -9.39 -30.61
C THR C 220 -17.51 -8.16 -30.09
N LYS C 221 -18.73 -7.96 -30.58
CA LYS C 221 -19.55 -6.82 -30.15
C LYS C 221 -19.98 -6.97 -28.68
N PRO C 222 -20.49 -5.89 -28.07
CA PRO C 222 -20.95 -5.93 -26.67
C PRO C 222 -21.99 -7.03 -26.42
N GLY C 223 -23.21 -6.63 -26.10
CA GLY C 223 -24.26 -7.60 -25.85
C GLY C 223 -24.72 -7.61 -24.41
N LYS C 224 -24.98 -8.81 -23.88
CA LYS C 224 -25.44 -9.00 -22.50
C LYS C 224 -24.82 -7.99 -21.56
N ASN C 225 -25.55 -6.89 -21.34
CA ASN C 225 -25.13 -5.78 -20.48
C ASN C 225 -23.73 -5.19 -20.73
N ASN C 226 -23.53 -4.64 -21.93
CA ASN C 226 -22.26 -4.00 -22.30
C ASN C 226 -21.04 -4.92 -22.49
N GLU C 227 -20.99 -6.02 -21.75
CA GLU C 227 -19.85 -6.93 -21.80
C GLU C 227 -19.63 -7.81 -23.03
N ILE C 228 -18.35 -8.07 -23.31
CA ILE C 228 -17.92 -8.94 -24.40
C ILE C 228 -17.75 -10.28 -23.67
N GLN C 229 -18.28 -11.37 -24.23
CA GLN C 229 -18.12 -12.63 -23.51
C GLN C 229 -17.49 -13.79 -24.28
N ILE C 230 -16.55 -14.44 -23.61
CA ILE C 230 -15.83 -15.59 -24.16
C ILE C 230 -16.81 -16.60 -24.75
N THR C 231 -18.07 -16.56 -24.32
CA THR C 231 -19.05 -17.47 -24.85
C THR C 231 -19.17 -17.25 -26.36
N ASP C 232 -19.39 -16.01 -26.77
CA ASP C 232 -19.51 -15.71 -28.19
C ASP C 232 -18.15 -15.91 -28.87
N ALA C 233 -17.10 -15.42 -28.24
CA ALA C 233 -15.76 -15.56 -28.78
C ALA C 233 -15.43 -17.04 -28.97
N LEU C 234 -15.81 -17.85 -28.01
CA LEU C 234 -15.53 -19.28 -28.11
C LEU C 234 -16.39 -19.88 -29.21
N ARG C 235 -17.65 -19.48 -29.24
CA ARG C 235 -18.55 -20.00 -30.24
C ARG C 235 -18.01 -19.66 -31.63
N THR C 236 -17.45 -18.47 -31.76
CA THR C 236 -16.90 -18.06 -33.05
C THR C 236 -15.75 -18.96 -33.41
N GLN C 237 -14.73 -18.94 -32.58
CA GLN C 237 -13.56 -19.78 -32.81
C GLN C 237 -13.95 -21.22 -33.08
N ALA C 238 -15.01 -21.67 -32.40
CA ALA C 238 -15.51 -23.04 -32.53
C ALA C 238 -16.06 -23.32 -33.91
N LYS C 239 -16.76 -22.36 -34.50
CA LYS C 239 -17.32 -22.53 -35.83
C LYS C 239 -16.26 -22.41 -36.92
N ARG C 240 -15.24 -21.60 -36.69
CA ARG C 240 -14.17 -21.43 -37.67
C ARG C 240 -13.35 -22.70 -37.77
N LYS C 241 -13.18 -23.39 -36.66
CA LYS C 241 -12.43 -24.64 -36.66
C LYS C 241 -12.64 -25.42 -35.36
N ARG C 242 -12.08 -26.62 -35.31
CA ARG C 242 -12.22 -27.49 -34.15
C ARG C 242 -11.58 -26.99 -32.85
N ILE C 243 -12.40 -26.83 -31.82
CA ILE C 243 -11.93 -26.46 -30.48
C ILE C 243 -12.60 -27.54 -29.62
N ILE C 244 -11.87 -28.05 -28.65
CA ILE C 244 -12.38 -29.12 -27.81
C ILE C 244 -12.98 -28.69 -26.47
N ALA C 245 -13.80 -29.57 -25.90
CA ALA C 245 -14.42 -29.35 -24.60
C ALA C 245 -13.90 -30.53 -23.79
N TYR C 246 -13.47 -30.30 -22.55
CA TYR C 246 -12.93 -31.39 -21.75
C TYR C 246 -13.64 -31.64 -20.42
N GLN C 247 -14.10 -32.88 -20.25
CA GLN C 247 -14.76 -33.29 -19.04
C GLN C 247 -13.65 -33.77 -18.10
N PHE C 248 -13.12 -32.83 -17.33
CA PHE C 248 -12.02 -33.13 -16.41
C PHE C 248 -12.35 -34.09 -15.28
N LYS C 249 -11.36 -34.89 -14.90
CA LYS C 249 -11.48 -35.84 -13.80
C LYS C 249 -11.17 -35.00 -12.56
N GLY C 250 -12.03 -35.06 -11.53
CA GLY C 250 -11.77 -34.28 -10.33
C GLY C 250 -12.95 -33.45 -9.85
N LYS C 251 -12.83 -32.88 -8.65
CA LYS C 251 -13.91 -32.08 -8.10
C LYS C 251 -13.60 -30.61 -8.06
N ARG C 252 -14.63 -29.80 -8.30
CA ARG C 252 -14.49 -28.35 -8.29
C ARG C 252 -15.54 -27.66 -7.42
N TYR C 253 -15.07 -26.79 -6.52
CA TYR C 253 -15.94 -26.04 -5.61
C TYR C 253 -16.10 -24.62 -6.16
N ASP C 254 -17.33 -24.14 -6.23
CA ASP C 254 -17.54 -22.81 -6.75
C ASP C 254 -17.51 -21.80 -5.62
N CYS C 255 -16.32 -21.30 -5.34
CA CYS C 255 -16.15 -20.31 -4.28
C CYS C 255 -16.61 -18.95 -4.78
N GLY C 256 -17.32 -18.94 -5.89
CA GLY C 256 -17.83 -17.70 -6.42
C GLY C 256 -18.96 -17.30 -5.49
N SER C 257 -19.51 -18.30 -4.83
CA SER C 257 -20.62 -18.13 -3.88
C SER C 257 -20.13 -18.44 -2.47
N VAL C 258 -20.61 -17.71 -1.48
CA VAL C 258 -20.15 -17.98 -0.12
C VAL C 258 -20.40 -19.44 0.24
N GLU C 259 -21.47 -20.04 -0.28
CA GLU C 259 -21.76 -21.43 0.03
C GLU C 259 -20.65 -22.36 -0.40
N GLY C 260 -20.12 -22.11 -1.59
CA GLY C 260 -19.04 -22.95 -2.08
C GLY C 260 -17.81 -22.65 -1.26
N TYR C 261 -17.64 -21.37 -0.94
CA TYR C 261 -16.52 -20.94 -0.16
C TYR C 261 -16.51 -21.75 1.13
N ILE C 262 -17.54 -21.56 1.93
CA ILE C 262 -17.65 -22.26 3.21
C ILE C 262 -17.44 -23.76 3.05
N GLU C 263 -18.24 -24.37 2.17
CA GLU C 263 -18.15 -25.80 1.91
C GLU C 263 -16.71 -26.21 1.62
N ALA C 264 -16.04 -25.47 0.74
CA ALA C 264 -14.66 -25.74 0.37
C ALA C 264 -13.77 -25.76 1.61
N SER C 265 -13.98 -24.77 2.48
CA SER C 265 -13.21 -24.68 3.72
C SER C 265 -13.35 -25.95 4.50
N ASN C 266 -14.56 -26.21 4.97
CA ASN C 266 -14.83 -27.42 5.74
C ASN C 266 -14.20 -28.57 4.99
N ALA C 267 -14.42 -28.61 3.68
CA ALA C 267 -13.88 -29.67 2.86
C ALA C 267 -12.37 -29.83 2.97
N TYR C 268 -11.63 -28.72 2.90
CA TYR C 268 -10.17 -28.75 2.99
C TYR C 268 -9.66 -28.86 4.41
N TYR C 269 -10.50 -28.49 5.38
CA TYR C 269 -10.14 -28.61 6.77
C TYR C 269 -10.25 -30.09 7.10
N LYS C 270 -11.39 -30.68 6.72
CA LYS C 270 -11.66 -32.11 6.91
C LYS C 270 -10.44 -32.88 6.40
N LYS C 271 -10.03 -32.54 5.19
CA LYS C 271 -8.92 -33.19 4.54
C LYS C 271 -7.62 -33.06 5.33
N ARG C 272 -7.66 -32.36 6.46
CA ARG C 272 -6.47 -32.23 7.28
C ARG C 272 -6.36 -33.41 8.26
N LEU C 273 -6.19 -34.59 7.67
CA LEU C 273 -6.04 -35.84 8.41
C LEU C 273 -4.91 -36.67 7.77
N MET D 1 -16.48 7.39 31.32
CA MET D 1 -17.00 6.55 30.20
C MET D 1 -15.79 6.11 29.38
N ILE D 2 -15.43 4.83 29.46
CA ILE D 2 -14.28 4.31 28.71
C ILE D 2 -14.36 4.77 27.26
N LYS D 3 -13.47 5.69 26.88
CA LYS D 3 -13.48 6.23 25.52
C LYS D 3 -12.57 5.52 24.53
N LYS D 4 -11.46 4.95 25.00
CA LYS D 4 -10.53 4.26 24.10
C LYS D 4 -10.52 2.73 24.22
N CYS D 5 -10.34 2.05 23.09
CA CYS D 5 -10.22 0.60 23.07
C CYS D 5 -8.96 0.25 22.31
N LEU D 6 -8.10 -0.54 22.92
CA LEU D 6 -6.82 -0.93 22.34
C LEU D 6 -6.92 -2.33 21.73
N PHE D 7 -6.65 -2.44 20.43
CA PHE D 7 -6.70 -3.75 19.77
C PHE D 7 -5.30 -4.22 19.44
N PRO D 8 -4.79 -5.22 20.17
CA PRO D 8 -3.44 -5.73 19.88
C PRO D 8 -3.45 -6.54 18.59
N ALA D 9 -2.80 -6.03 17.55
CA ALA D 9 -2.80 -6.72 16.27
C ALA D 9 -1.44 -7.00 15.66
N ALA D 10 -0.40 -7.05 16.49
CA ALA D 10 0.94 -7.30 15.99
C ALA D 10 1.24 -8.80 15.89
N GLY D 11 0.36 -9.63 16.45
CA GLY D 11 0.57 -11.07 16.40
C GLY D 11 0.96 -11.49 15.00
N TYR D 12 1.68 -12.61 14.89
CA TYR D 12 2.14 -13.10 13.58
C TYR D 12 1.19 -14.11 12.92
N GLY D 13 0.29 -14.71 13.70
CA GLY D 13 -0.63 -15.69 13.14
C GLY D 13 0.10 -16.87 12.55
N THR D 14 1.11 -17.35 13.27
CA THR D 14 1.92 -18.50 12.82
C THR D 14 1.13 -19.76 12.49
N ARG D 15 0.01 -19.95 13.17
CA ARG D 15 -0.82 -21.13 12.94
C ARG D 15 -1.52 -21.05 11.59
N PHE D 16 -1.66 -19.83 11.07
CA PHE D 16 -2.31 -19.65 9.78
C PHE D 16 -1.36 -19.42 8.61
N LEU D 17 -0.07 -19.72 8.76
CA LEU D 17 0.83 -19.54 7.63
C LEU D 17 0.34 -20.50 6.56
N PRO D 18 0.64 -20.21 5.30
CA PRO D 18 1.40 -19.06 4.85
C PRO D 18 0.63 -17.76 4.57
N ILE D 19 -0.69 -17.83 4.40
CA ILE D 19 -1.45 -16.63 4.08
C ILE D 19 -1.22 -15.49 5.05
N THR D 20 -1.00 -15.83 6.29
CA THR D 20 -0.80 -14.84 7.33
C THR D 20 0.55 -14.14 7.17
N LYS D 21 1.21 -14.40 6.05
CA LYS D 21 2.51 -13.80 5.74
C LYS D 21 2.34 -12.48 4.98
N THR D 22 1.12 -12.21 4.53
CA THR D 22 0.83 -11.01 3.76
C THR D 22 -0.46 -10.35 4.24
N ILE D 23 -1.39 -11.20 4.70
CA ILE D 23 -2.67 -10.76 5.22
C ILE D 23 -2.56 -10.88 6.73
N PRO D 24 -2.66 -9.75 7.45
CA PRO D 24 -2.56 -9.79 8.89
C PRO D 24 -3.71 -10.61 9.46
N LYS D 25 -3.44 -11.43 10.45
CA LYS D 25 -4.46 -12.27 11.05
C LYS D 25 -5.82 -11.58 11.24
N GLU D 26 -5.82 -10.42 11.88
CA GLU D 26 -7.05 -9.67 12.14
C GLU D 26 -7.92 -9.45 10.91
N MET D 27 -7.35 -9.66 9.72
CA MET D 27 -8.09 -9.45 8.49
C MET D 27 -8.68 -10.72 7.89
N LEU D 28 -8.36 -11.88 8.44
CA LEU D 28 -8.94 -13.10 7.91
C LEU D 28 -10.44 -12.93 8.12
N PRO D 29 -11.24 -13.28 7.11
CA PRO D 29 -12.70 -13.16 7.14
C PRO D 29 -13.40 -14.26 7.87
N ILE D 30 -14.60 -13.99 8.36
CA ILE D 30 -15.38 -15.05 8.95
C ILE D 30 -16.14 -15.57 7.74
N VAL D 31 -17.22 -14.89 7.34
CA VAL D 31 -17.87 -15.37 6.13
C VAL D 31 -17.34 -14.34 5.13
N ASP D 32 -17.49 -13.07 5.47
CA ASP D 32 -17.03 -11.99 4.60
C ASP D 32 -16.67 -10.72 5.37
N LYS D 33 -16.68 -10.78 6.70
CA LYS D 33 -16.28 -9.60 7.48
C LYS D 33 -14.92 -9.97 8.06
N PRO D 34 -14.01 -8.99 8.16
CA PRO D 34 -12.72 -9.38 8.73
C PRO D 34 -12.87 -9.50 10.26
N LEU D 35 -12.10 -10.39 10.86
CA LEU D 35 -12.16 -10.60 12.30
C LEU D 35 -12.16 -9.26 13.04
N ILE D 36 -11.23 -8.40 12.66
CA ILE D 36 -11.07 -7.09 13.28
C ILE D 36 -12.33 -6.22 13.29
N GLN D 37 -13.20 -6.38 12.30
CA GLN D 37 -14.42 -5.58 12.27
C GLN D 37 -15.38 -5.97 13.39
N TYR D 38 -15.56 -7.26 13.59
CA TYR D 38 -16.44 -7.72 14.66
C TYR D 38 -15.93 -7.02 15.91
N ALA D 39 -14.63 -7.14 16.14
CA ALA D 39 -13.98 -6.53 17.30
C ALA D 39 -14.24 -5.04 17.46
N VAL D 40 -14.14 -4.28 16.39
CA VAL D 40 -14.38 -2.85 16.46
C VAL D 40 -15.86 -2.54 16.68
N GLU D 41 -16.73 -3.30 16.02
CA GLU D 41 -18.16 -3.10 16.19
C GLU D 41 -18.49 -3.28 17.68
N GLU D 42 -18.05 -4.41 18.24
CA GLU D 42 -18.28 -4.71 19.65
C GLU D 42 -17.87 -3.54 20.53
N ALA D 43 -16.69 -3.01 20.28
CA ALA D 43 -16.15 -1.90 21.07
C ALA D 43 -16.96 -0.65 20.88
N MET D 44 -17.29 -0.34 19.62
CA MET D 44 -18.07 0.85 19.33
C MET D 44 -19.40 0.76 20.04
N GLU D 45 -19.94 -0.45 20.12
CA GLU D 45 -21.21 -0.67 20.78
C GLU D 45 -21.09 -0.47 22.28
N ALA D 46 -19.88 -0.61 22.82
CA ALA D 46 -19.65 -0.44 24.24
C ALA D 46 -19.45 1.02 24.61
N GLY D 47 -19.52 1.90 23.61
CA GLY D 47 -19.35 3.32 23.86
C GLY D 47 -17.98 3.91 23.57
N CYS D 48 -17.09 3.11 22.98
CA CYS D 48 -15.74 3.61 22.67
C CYS D 48 -15.78 4.44 21.42
N GLU D 49 -15.06 5.56 21.43
CA GLU D 49 -15.02 6.46 20.29
C GLU D 49 -13.70 6.39 19.54
N VAL D 50 -12.63 6.01 20.24
CA VAL D 50 -11.31 5.90 19.62
C VAL D 50 -10.82 4.46 19.58
N MET D 51 -10.53 3.98 18.37
CA MET D 51 -10.03 2.63 18.19
C MET D 51 -8.51 2.67 18.00
N ALA D 52 -7.78 2.52 19.10
CA ALA D 52 -6.33 2.52 19.07
C ALA D 52 -5.85 1.13 18.67
N ILE D 53 -5.26 1.00 17.49
CA ILE D 53 -4.78 -0.29 17.01
C ILE D 53 -3.25 -0.43 16.96
N VAL D 54 -2.75 -1.53 17.54
CA VAL D 54 -1.32 -1.81 17.55
C VAL D 54 -1.07 -2.74 16.39
N THR D 55 -0.35 -2.26 15.39
CA THR D 55 -0.04 -3.02 14.19
C THR D 55 1.35 -3.64 14.19
N GLY D 56 1.55 -4.58 13.26
CA GLY D 56 2.83 -5.24 13.14
C GLY D 56 3.42 -5.15 11.75
N ARG D 57 3.68 -6.31 11.15
CA ARG D 57 4.27 -6.39 9.82
C ARG D 57 3.40 -5.82 8.71
N ASN D 58 2.39 -6.59 8.32
CA ASN D 58 1.50 -6.17 7.25
C ASN D 58 0.36 -5.42 7.91
N LYS D 59 0.42 -4.11 7.92
CA LYS D 59 -0.66 -3.35 8.52
C LYS D 59 -1.47 -2.63 7.45
N ARG D 60 -0.94 -2.63 6.23
CA ARG D 60 -1.60 -1.96 5.12
C ARG D 60 -3.07 -2.33 5.03
N SER D 61 -3.35 -3.63 4.98
CA SER D 61 -4.72 -4.13 4.87
C SER D 61 -5.58 -3.66 6.03
N LEU D 62 -5.02 -3.72 7.23
CA LEU D 62 -5.72 -3.30 8.44
C LEU D 62 -6.12 -1.84 8.36
N GLU D 63 -5.15 -0.97 8.19
CA GLU D 63 -5.42 0.46 8.13
C GLU D 63 -6.28 0.82 6.94
N ASP D 64 -6.09 0.15 5.82
CA ASP D 64 -6.88 0.44 4.64
C ASP D 64 -8.34 0.04 4.78
N TYR D 65 -8.61 -1.04 5.50
CA TYR D 65 -9.98 -1.48 5.65
C TYR D 65 -10.84 -0.42 6.31
N PHE D 66 -10.26 0.32 7.24
CA PHE D 66 -11.02 1.34 7.94
C PHE D 66 -10.90 2.71 7.30
N ASP D 67 -10.38 2.74 6.08
CA ASP D 67 -10.29 3.98 5.32
C ASP D 67 -11.59 4.00 4.51
N THR D 68 -12.09 5.18 4.20
CA THR D 68 -13.32 5.27 3.44
C THR D 68 -13.07 4.99 1.95
N SER D 69 -13.60 3.86 1.49
CA SER D 69 -13.48 3.41 0.11
C SER D 69 -14.51 4.08 -0.79
N TYR D 70 -14.15 5.23 -1.36
CA TYR D 70 -15.03 6.00 -2.23
C TYR D 70 -15.46 5.28 -3.50
N GLU D 71 -14.51 4.64 -4.16
CA GLU D 71 -14.79 3.93 -5.40
C GLU D 71 -15.98 2.99 -5.36
N ILE D 72 -15.79 1.84 -4.71
CA ILE D 72 -16.82 0.83 -4.65
C ILE D 72 -18.18 1.18 -4.04
N GLU D 73 -18.25 2.14 -3.12
CA GLU D 73 -19.56 2.47 -2.54
C GLU D 73 -20.46 3.21 -3.53
N HIS D 74 -19.83 3.81 -4.54
CA HIS D 74 -20.56 4.53 -5.59
C HIS D 74 -20.83 3.53 -6.70
N GLN D 75 -19.81 2.73 -7.02
CA GLN D 75 -19.89 1.72 -8.07
C GLN D 75 -20.75 0.54 -7.59
N ILE D 76 -21.33 0.70 -6.41
CA ILE D 76 -22.19 -0.33 -5.83
C ILE D 76 -23.54 0.35 -5.51
N GLN D 77 -23.54 1.68 -5.56
CA GLN D 77 -24.74 2.46 -5.29
C GLN D 77 -25.81 2.17 -6.33
N GLY D 78 -27.07 2.23 -5.91
CA GLY D 78 -28.16 1.97 -6.81
C GLY D 78 -28.32 0.49 -7.12
N THR D 79 -27.38 -0.32 -6.67
CA THR D 79 -27.43 -1.77 -6.90
C THR D 79 -28.23 -2.41 -5.77
N ASN D 80 -27.88 -3.64 -5.43
CA ASN D 80 -28.57 -4.35 -4.37
C ASN D 80 -27.56 -4.92 -3.36
N LYS D 81 -26.38 -4.30 -3.33
CA LYS D 81 -25.32 -4.72 -2.40
C LYS D 81 -24.81 -3.56 -1.57
N GLU D 82 -25.56 -2.47 -1.50
CA GLU D 82 -25.14 -1.32 -0.71
C GLU D 82 -25.41 -1.65 0.77
N ASN D 83 -26.21 -2.68 0.99
CA ASN D 83 -26.54 -3.13 2.33
C ASN D 83 -25.24 -3.67 2.94
N ALA D 84 -24.50 -4.43 2.15
CA ALA D 84 -23.24 -5.04 2.58
C ALA D 84 -22.21 -4.07 3.16
N LEU D 85 -22.28 -2.80 2.77
CA LEU D 85 -21.32 -1.83 3.29
C LEU D 85 -21.90 -0.89 4.33
N LYS D 86 -23.17 -1.08 4.66
CA LYS D 86 -23.82 -0.22 5.66
C LYS D 86 -23.07 -0.23 6.98
N SER D 87 -22.85 -1.43 7.50
CA SER D 87 -22.15 -1.64 8.78
C SER D 87 -20.75 -1.04 8.84
N ILE D 88 -19.86 -1.52 8.00
CA ILE D 88 -18.49 -1.00 7.98
C ILE D 88 -18.50 0.50 7.82
N ARG D 89 -19.28 0.99 6.87
CA ARG D 89 -19.34 2.43 6.62
C ARG D 89 -19.73 3.17 7.90
N ASN D 90 -20.64 2.57 8.67
CA ASN D 90 -21.10 3.16 9.92
C ASN D 90 -19.91 3.38 10.85
N ILE D 91 -19.18 2.30 11.10
CA ILE D 91 -18.02 2.37 11.98
C ILE D 91 -17.07 3.49 11.56
N ILE D 92 -16.75 3.51 10.27
CA ILE D 92 -15.81 4.50 9.75
C ILE D 92 -16.22 5.94 10.01
N GLU D 93 -17.48 6.28 9.78
CA GLU D 93 -17.92 7.65 10.00
C GLU D 93 -18.03 7.96 11.50
N LYS D 94 -18.40 6.97 12.31
CA LYS D 94 -18.56 7.18 13.73
C LYS D 94 -17.36 6.86 14.64
N CYS D 95 -16.29 6.33 14.08
CA CYS D 95 -15.13 6.02 14.90
C CYS D 95 -13.88 6.79 14.49
N CYS D 96 -12.98 6.94 15.45
CA CYS D 96 -11.72 7.61 15.21
C CYS D 96 -10.68 6.52 15.34
N PHE D 97 -9.72 6.49 14.41
CA PHE D 97 -8.67 5.48 14.45
C PHE D 97 -7.26 5.99 14.68
N SER D 98 -6.51 5.28 15.51
CA SER D 98 -5.13 5.62 15.79
C SER D 98 -4.30 4.34 15.68
N TYR D 99 -3.03 4.50 15.31
CA TYR D 99 -2.15 3.36 15.15
C TYR D 99 -0.76 3.58 15.72
N VAL D 100 -0.10 2.48 16.01
CA VAL D 100 1.25 2.51 16.53
C VAL D 100 1.89 1.15 16.20
N ARG D 101 3.10 1.18 15.66
CA ARG D 101 3.81 -0.05 15.30
C ARG D 101 4.41 -0.71 16.53
N GLN D 102 4.14 -2.01 16.66
CA GLN D 102 4.64 -2.82 17.75
C GLN D 102 6.12 -2.97 17.51
N LYS D 103 6.95 -2.65 18.50
CA LYS D 103 8.38 -2.77 18.33
C LYS D 103 8.63 -4.25 18.10
N GLN D 104 9.80 -4.77 18.44
CA GLN D 104 10.02 -6.19 18.22
C GLN D 104 8.97 -7.07 18.94
N MET D 105 7.92 -7.42 18.18
CA MET D 105 6.77 -8.22 18.64
C MET D 105 7.02 -9.16 19.83
N LYS D 106 6.57 -8.74 21.01
CA LYS D 106 6.77 -9.56 22.19
C LYS D 106 5.45 -9.91 22.92
N GLY D 107 4.48 -10.46 22.18
CA GLY D 107 3.21 -10.84 22.78
C GLY D 107 2.22 -9.77 23.20
N LEU D 108 1.22 -10.14 23.99
CA LEU D 108 0.20 -9.21 24.46
C LEU D 108 0.72 -8.25 25.52
N GLY D 109 1.79 -8.63 26.18
CA GLY D 109 2.38 -7.78 27.21
C GLY D 109 2.89 -6.49 26.60
N HIS D 110 3.85 -6.58 25.65
CA HIS D 110 4.37 -5.35 25.07
C HIS D 110 3.38 -4.70 24.11
N ALA D 111 2.32 -5.41 23.74
CA ALA D 111 1.32 -4.84 22.84
C ALA D 111 0.58 -3.75 23.61
N ILE D 112 0.21 -4.05 24.85
CA ILE D 112 -0.50 -3.09 25.69
C ILE D 112 0.48 -2.00 26.13
N LEU D 113 1.70 -2.42 26.44
CA LEU D 113 2.71 -1.46 26.85
C LEU D 113 3.00 -0.51 25.68
N THR D 114 3.21 -1.07 24.49
CA THR D 114 3.45 -0.25 23.31
C THR D 114 2.28 0.70 23.10
N GLY D 115 1.08 0.19 23.33
CA GLY D 115 -0.11 0.98 23.13
C GLY D 115 -0.29 2.13 24.10
N GLU D 116 0.63 2.30 25.06
CA GLU D 116 0.46 3.41 25.98
C GLU D 116 0.56 4.72 25.19
N ALA D 117 1.23 4.66 24.06
CA ALA D 117 1.37 5.85 23.23
C ALA D 117 0.03 6.22 22.58
N LEU D 118 -0.95 5.33 22.69
CA LEU D 118 -2.26 5.58 22.09
C LEU D 118 -3.33 5.86 23.12
N ILE D 119 -3.12 5.35 24.32
CA ILE D 119 -4.07 5.52 25.41
C ILE D 119 -3.72 6.69 26.32
N GLY D 120 -2.53 6.68 26.89
CA GLY D 120 -2.16 7.75 27.80
C GLY D 120 -2.65 7.38 29.19
N ASN D 121 -2.75 8.35 30.09
CA ASN D 121 -3.20 8.05 31.44
C ASN D 121 -4.72 8.15 31.66
N GLU D 122 -5.42 7.08 31.30
CA GLU D 122 -6.87 7.00 31.44
C GLU D 122 -7.31 5.54 31.27
N PRO D 123 -8.27 5.07 32.07
CA PRO D 123 -8.72 3.68 31.93
C PRO D 123 -9.13 3.37 30.49
N PHE D 124 -8.84 2.16 30.02
CA PHE D 124 -9.16 1.80 28.64
C PHE D 124 -9.58 0.35 28.49
N ALA D 125 -10.08 0.03 27.30
CA ALA D 125 -10.53 -1.32 26.99
C ALA D 125 -9.54 -2.02 26.10
N VAL D 126 -9.55 -3.35 26.11
CA VAL D 126 -8.64 -4.14 25.30
C VAL D 126 -9.37 -5.33 24.68
N ILE D 127 -9.32 -5.45 23.36
CA ILE D 127 -9.99 -6.55 22.67
C ILE D 127 -9.04 -7.36 21.80
N LEU D 128 -9.13 -8.67 21.89
CA LEU D 128 -8.33 -9.54 21.05
C LEU D 128 -9.22 -10.00 19.90
N ALA D 129 -9.08 -9.37 18.74
CA ALA D 129 -9.91 -9.75 17.60
C ALA D 129 -10.02 -11.25 17.40
N ASP D 130 -9.00 -11.99 17.80
CA ASP D 130 -8.98 -13.44 17.67
C ASP D 130 -10.01 -14.14 18.55
N ASP D 131 -10.49 -13.45 19.58
CA ASP D 131 -11.50 -14.00 20.46
C ASP D 131 -12.81 -13.43 19.99
N LEU D 132 -13.38 -14.10 19.00
CA LEU D 132 -14.65 -13.68 18.41
C LEU D 132 -15.80 -14.05 19.35
N CYS D 133 -16.38 -13.03 19.97
CA CYS D 133 -17.48 -13.19 20.91
C CYS D 133 -18.82 -12.70 20.38
N ILE D 134 -19.87 -13.48 20.61
CA ILE D 134 -21.21 -13.11 20.17
C ILE D 134 -22.18 -13.27 21.33
N SER D 135 -23.08 -12.30 21.46
CA SER D 135 -24.05 -12.32 22.56
C SER D 135 -25.50 -12.61 22.15
N HIS D 136 -25.97 -13.77 22.58
CA HIS D 136 -27.33 -14.23 22.33
C HIS D 136 -28.27 -13.19 22.96
N ASP D 137 -28.68 -12.21 22.14
CA ASP D 137 -29.54 -11.11 22.60
C ASP D 137 -29.16 -10.56 23.99
N HIS D 138 -27.87 -10.24 24.11
CA HIS D 138 -27.27 -9.67 25.32
C HIS D 138 -26.33 -8.59 24.82
N PRO D 139 -25.95 -7.64 25.69
CA PRO D 139 -25.04 -6.62 25.18
C PRO D 139 -23.71 -7.27 24.82
N SER D 140 -22.96 -6.66 23.91
CA SER D 140 -21.67 -7.22 23.51
C SER D 140 -20.83 -7.35 24.78
N VAL D 141 -20.05 -8.43 24.86
CA VAL D 141 -19.22 -8.68 26.01
C VAL D 141 -18.55 -7.41 26.56
N LEU D 142 -18.01 -6.58 25.68
CA LEU D 142 -17.34 -5.37 26.14
C LEU D 142 -18.31 -4.41 26.81
N LYS D 143 -19.52 -4.30 26.29
CA LYS D 143 -20.49 -3.39 26.88
C LYS D 143 -20.87 -3.87 28.28
N GLN D 144 -20.99 -5.18 28.43
CA GLN D 144 -21.31 -5.75 29.73
C GLN D 144 -20.22 -5.25 30.67
N MET D 145 -18.98 -5.21 30.17
CA MET D 145 -17.82 -4.80 30.95
C MET D 145 -17.69 -3.32 31.25
N THR D 146 -17.98 -2.48 30.26
CA THR D 146 -17.88 -1.03 30.48
C THR D 146 -18.95 -0.65 31.49
N SER D 147 -20.10 -1.31 31.36
CA SER D 147 -21.22 -1.08 32.26
C SER D 147 -20.80 -1.44 33.69
N LEU D 148 -20.30 -2.66 33.86
CA LEU D 148 -19.83 -3.16 35.16
C LEU D 148 -18.82 -2.17 35.73
N TYR D 149 -17.92 -1.72 34.87
CA TYR D 149 -16.89 -0.78 35.26
C TYR D 149 -17.42 0.49 35.87
N GLN D 150 -18.55 0.96 35.35
CA GLN D 150 -19.14 2.19 35.86
C GLN D 150 -19.40 2.06 37.36
N LYS D 151 -19.58 0.82 37.81
CA LYS D 151 -19.84 0.54 39.21
C LYS D 151 -18.59 0.20 40.03
N TYR D 152 -17.69 -0.61 39.46
CA TYR D 152 -16.47 -1.02 40.17
C TYR D 152 -15.26 -0.11 40.03
N GLN D 153 -15.22 0.67 38.96
CA GLN D 153 -14.11 1.59 38.75
C GLN D 153 -12.77 0.92 38.97
N CYS D 154 -12.52 -0.17 38.25
CA CYS D 154 -11.25 -0.89 38.36
C CYS D 154 -11.08 -1.79 37.15
N SER D 155 -9.91 -2.41 37.03
CA SER D 155 -9.63 -3.30 35.92
C SER D 155 -10.55 -4.49 35.94
N ILE D 156 -11.08 -4.85 34.78
CA ILE D 156 -11.99 -5.97 34.65
C ILE D 156 -11.46 -6.94 33.60
N VAL D 157 -11.23 -8.18 33.99
CA VAL D 157 -10.73 -9.18 33.07
C VAL D 157 -11.84 -10.20 32.87
N ALA D 158 -12.26 -10.38 31.62
CA ALA D 158 -13.34 -11.32 31.32
C ALA D 158 -12.89 -12.77 31.43
N ILE D 159 -13.68 -13.56 32.14
CA ILE D 159 -13.40 -14.98 32.34
C ILE D 159 -14.57 -15.85 31.88
N GLU D 160 -14.31 -17.15 31.74
CA GLU D 160 -15.32 -18.13 31.33
C GLU D 160 -14.88 -19.49 31.84
N GLU D 161 -15.82 -20.43 31.95
CA GLU D 161 -15.51 -21.77 32.44
C GLU D 161 -15.04 -22.71 31.36
N VAL D 162 -13.98 -23.45 31.62
CA VAL D 162 -13.47 -24.42 30.67
C VAL D 162 -13.45 -25.76 31.39
N ALA D 163 -13.39 -26.85 30.62
CA ALA D 163 -13.37 -28.19 31.21
C ALA D 163 -12.14 -28.35 32.10
N LEU D 164 -12.34 -28.85 33.31
CA LEU D 164 -11.24 -29.02 34.26
C LEU D 164 -9.99 -29.55 33.58
N GLU D 165 -10.17 -30.28 32.49
CA GLU D 165 -9.05 -30.81 31.73
C GLU D 165 -8.41 -29.66 30.92
N GLU D 166 -9.23 -28.93 30.17
CA GLU D 166 -8.77 -27.80 29.36
C GLU D 166 -7.93 -26.79 30.14
N VAL D 167 -8.12 -26.75 31.46
CA VAL D 167 -7.44 -25.82 32.35
C VAL D 167 -5.94 -25.61 32.14
N SER D 168 -5.22 -26.68 31.83
CA SER D 168 -3.78 -26.58 31.64
C SER D 168 -3.31 -25.59 30.58
N LYS D 169 -4.15 -25.28 29.60
CA LYS D 169 -3.72 -24.35 28.56
C LYS D 169 -4.42 -22.99 28.63
N TYR D 170 -4.67 -22.50 29.85
CA TYR D 170 -5.31 -21.21 30.03
C TYR D 170 -4.73 -20.42 31.20
N GLY D 171 -5.12 -19.15 31.27
CA GLY D 171 -4.69 -18.31 32.36
C GLY D 171 -5.87 -18.43 33.29
N VAL D 172 -5.67 -19.00 34.46
CA VAL D 172 -6.78 -19.17 35.39
C VAL D 172 -6.84 -18.22 36.58
N ILE D 173 -8.06 -17.95 37.02
CA ILE D 173 -8.34 -17.06 38.12
C ILE D 173 -8.55 -17.83 39.42
N ARG D 174 -8.52 -17.11 40.53
CA ARG D 174 -8.76 -17.65 41.87
C ARG D 174 -9.18 -16.43 42.65
N GLY D 175 -10.50 -16.21 42.73
CA GLY D 175 -10.99 -15.04 43.43
C GLY D 175 -12.16 -15.25 44.38
N GLU D 176 -12.60 -14.14 44.96
CA GLU D 176 -13.70 -14.13 45.90
C GLU D 176 -15.01 -13.74 45.26
N TRP D 177 -15.97 -14.66 45.25
CA TRP D 177 -17.27 -14.37 44.67
C TRP D 177 -17.77 -13.06 45.31
N LEU D 178 -18.32 -12.17 44.50
CA LEU D 178 -18.81 -10.90 45.01
C LEU D 178 -20.24 -10.66 44.58
N GLU D 179 -20.54 -11.06 43.35
CA GLU D 179 -21.84 -10.84 42.75
C GLU D 179 -22.16 -11.93 41.74
N GLU D 180 -23.28 -11.76 41.06
CA GLU D 180 -23.74 -12.66 40.02
C GLU D 180 -22.64 -12.64 38.96
N GLY D 181 -21.72 -13.59 39.04
CA GLY D 181 -20.65 -13.65 38.06
C GLY D 181 -19.46 -12.71 38.19
N VAL D 182 -19.38 -11.98 39.31
CA VAL D 182 -18.26 -11.08 39.55
C VAL D 182 -17.33 -11.73 40.58
N TYR D 183 -16.03 -11.47 40.47
CA TYR D 183 -15.06 -12.01 41.42
C TYR D 183 -13.97 -10.99 41.70
N GLU D 184 -13.27 -11.19 42.79
CA GLU D 184 -12.16 -10.31 43.12
C GLU D 184 -10.92 -11.15 42.89
N ILE D 185 -10.13 -10.79 41.89
CA ILE D 185 -8.92 -11.55 41.61
C ILE D 185 -8.06 -11.59 42.85
N LYS D 186 -7.56 -12.76 43.20
CA LYS D 186 -6.71 -12.89 44.37
C LYS D 186 -5.38 -13.48 43.93
N ASP D 187 -5.38 -14.06 42.74
CA ASP D 187 -4.20 -14.66 42.16
C ASP D 187 -4.54 -15.14 40.74
N MET D 188 -3.51 -15.31 39.92
CA MET D 188 -3.69 -15.79 38.55
C MET D 188 -2.57 -16.75 38.20
N VAL D 189 -2.92 -17.93 37.73
CA VAL D 189 -1.93 -18.93 37.38
C VAL D 189 -1.95 -19.32 35.91
N GLU D 190 -0.95 -18.86 35.18
CA GLU D 190 -0.86 -19.17 33.76
C GLU D 190 -0.74 -20.68 33.58
N LYS D 191 -1.36 -21.19 32.51
CA LYS D 191 -1.35 -22.62 32.19
C LYS D 191 -0.94 -23.53 33.37
N PRO D 192 -1.84 -23.71 34.34
CA PRO D 192 -1.61 -24.56 35.52
C PRO D 192 -1.97 -26.02 35.27
N ASN D 193 -1.32 -26.92 36.01
CA ASN D 193 -1.58 -28.34 35.86
C ASN D 193 -2.89 -28.75 36.54
N GLN D 194 -3.57 -29.70 35.92
CA GLN D 194 -4.85 -30.23 36.41
C GLN D 194 -5.07 -30.09 37.92
N GLU D 195 -4.15 -30.62 38.72
CA GLU D 195 -4.27 -30.59 40.17
C GLU D 195 -3.70 -29.37 40.90
N ASP D 196 -3.36 -28.33 40.14
CA ASP D 196 -2.83 -27.11 40.75
C ASP D 196 -3.86 -26.01 40.55
N ALA D 197 -4.46 -26.00 39.36
CA ALA D 197 -5.47 -25.01 38.98
C ALA D 197 -6.38 -24.61 40.14
N PRO D 198 -6.36 -23.33 40.52
CA PRO D 198 -7.20 -22.83 41.61
C PRO D 198 -8.67 -22.68 41.19
N SER D 199 -8.96 -23.00 39.93
CA SER D 199 -10.33 -22.92 39.41
C SER D 199 -10.43 -23.25 37.93
N ASN D 200 -11.66 -23.31 37.43
CA ASN D 200 -11.93 -23.60 36.03
C ASN D 200 -12.37 -22.34 35.28
N LEU D 201 -12.01 -21.19 35.83
CA LEU D 201 -12.34 -19.88 35.25
C LEU D 201 -11.14 -19.31 34.47
N ALA D 202 -11.23 -19.36 33.14
CA ALA D 202 -10.17 -18.89 32.25
C ALA D 202 -10.29 -17.45 31.77
N VAL D 203 -9.15 -16.82 31.56
CA VAL D 203 -9.09 -15.46 31.09
C VAL D 203 -9.26 -15.43 29.57
N ILE D 204 -10.08 -14.50 29.10
CA ILE D 204 -10.38 -14.35 27.69
C ILE D 204 -9.92 -12.98 27.18
N GLY D 205 -9.73 -12.87 25.87
CA GLY D 205 -9.28 -11.62 25.28
C GLY D 205 -10.25 -10.46 25.38
N ARG D 206 -10.50 -9.99 26.59
CA ARG D 206 -11.39 -8.87 26.83
C ARG D 206 -11.05 -8.26 28.18
N TYR D 207 -10.45 -7.07 28.15
CA TYR D 207 -10.07 -6.39 29.37
C TYR D 207 -10.56 -4.96 29.41
N ILE D 208 -10.46 -4.38 30.59
CA ILE D 208 -10.75 -2.98 30.85
C ILE D 208 -9.72 -2.69 31.93
N LEU D 209 -8.68 -1.94 31.57
CA LEU D 209 -7.62 -1.71 32.54
C LEU D 209 -7.45 -0.28 33.00
N THR D 210 -7.01 -0.12 34.24
CA THR D 210 -6.75 1.19 34.79
C THR D 210 -5.32 1.54 34.39
N PRO D 211 -5.08 2.82 34.06
CA PRO D 211 -3.76 3.33 33.64
C PRO D 211 -2.54 2.79 34.38
N ASP D 212 -2.68 2.52 35.67
CA ASP D 212 -1.53 2.03 36.42
C ASP D 212 -0.98 0.73 35.87
N ILE D 213 -1.81 -0.03 35.16
CA ILE D 213 -1.34 -1.28 34.61
C ILE D 213 -0.07 -1.03 33.79
N PHE D 214 -0.07 0.04 33.01
CA PHE D 214 1.08 0.42 32.18
C PHE D 214 2.36 0.38 33.00
N GLU D 215 2.39 1.22 34.01
CA GLU D 215 3.52 1.33 34.91
C GLU D 215 3.94 -0.08 35.34
N ILE D 216 2.96 -0.88 35.76
CA ILE D 216 3.20 -2.25 36.18
C ILE D 216 3.88 -3.07 35.10
N LEU D 217 3.23 -3.20 33.95
CA LEU D 217 3.80 -3.96 32.83
C LEU D 217 5.26 -3.55 32.70
N SER D 218 5.47 -2.24 32.70
CA SER D 218 6.77 -1.63 32.58
C SER D 218 7.80 -2.19 33.57
N GLU D 219 7.30 -2.71 34.69
CA GLU D 219 8.15 -3.27 35.74
C GLU D 219 8.23 -4.80 35.71
N THR D 220 7.39 -5.43 34.89
CA THR D 220 7.37 -6.89 34.79
C THR D 220 8.56 -7.46 34.06
N LYS D 221 9.28 -8.37 34.71
CA LYS D 221 10.44 -9.00 34.09
C LYS D 221 9.86 -9.93 33.02
N PRO D 222 10.50 -10.02 31.85
CA PRO D 222 10.04 -10.87 30.74
C PRO D 222 10.39 -12.34 30.89
N GLY D 223 9.52 -13.22 30.41
CA GLY D 223 9.76 -14.65 30.51
C GLY D 223 10.23 -15.26 29.21
N LYS D 224 9.60 -16.38 28.82
CA LYS D 224 9.93 -17.07 27.58
C LYS D 224 9.67 -16.11 26.42
N ASN D 225 10.64 -15.97 25.52
CA ASN D 225 10.50 -15.04 24.39
C ASN D 225 10.24 -13.67 24.97
N ASN D 226 11.00 -13.31 26.01
CA ASN D 226 10.78 -12.04 26.70
C ASN D 226 9.38 -11.48 26.45
N GLU D 227 8.39 -12.32 26.75
CA GLU D 227 7.00 -11.94 26.61
C GLU D 227 6.67 -11.45 28.03
N ILE D 228 5.79 -10.47 28.13
CA ILE D 228 5.44 -9.94 29.45
C ILE D 228 4.06 -10.48 29.84
N GLN D 229 4.03 -11.63 30.51
CA GLN D 229 2.75 -12.21 30.90
C GLN D 229 1.79 -11.25 31.60
N ILE D 230 0.66 -10.94 30.97
CA ILE D 230 -0.31 -10.02 31.55
C ILE D 230 -0.79 -10.54 32.90
N THR D 231 -0.81 -11.87 33.05
CA THR D 231 -1.23 -12.46 34.31
C THR D 231 -0.32 -11.95 35.42
N ASP D 232 0.97 -11.85 35.12
CA ASP D 232 1.89 -11.34 36.12
C ASP D 232 1.46 -9.93 36.49
N ALA D 233 1.32 -9.07 35.49
CA ALA D 233 0.91 -7.69 35.70
C ALA D 233 -0.40 -7.61 36.46
N LEU D 234 -1.42 -8.33 35.99
CA LEU D 234 -2.70 -8.30 36.66
C LEU D 234 -2.60 -8.82 38.10
N ARG D 235 -1.84 -9.90 38.30
CA ARG D 235 -1.66 -10.46 39.63
C ARG D 235 -1.04 -9.38 40.51
N THR D 236 -0.03 -8.70 39.95
CA THR D 236 0.64 -7.63 40.65
C THR D 236 -0.39 -6.58 41.08
N GLN D 237 -1.20 -6.13 40.11
CA GLN D 237 -2.23 -5.14 40.37
C GLN D 237 -3.25 -5.69 41.34
N ALA D 238 -3.67 -6.93 41.13
CA ALA D 238 -4.65 -7.57 41.99
C ALA D 238 -4.21 -7.59 43.45
N LYS D 239 -2.94 -7.89 43.69
CA LYS D 239 -2.42 -7.90 45.04
C LYS D 239 -2.31 -6.51 45.63
N ARG D 240 -2.31 -5.50 44.77
CA ARG D 240 -2.23 -4.13 45.24
C ARG D 240 -3.63 -3.67 45.62
N LYS D 241 -4.60 -3.91 44.73
CA LYS D 241 -5.96 -3.52 45.05
C LYS D 241 -7.00 -4.40 44.36
N ARG D 242 -8.26 -4.09 44.64
CA ARG D 242 -9.39 -4.83 44.09
C ARG D 242 -9.56 -4.59 42.60
N ILE D 243 -9.58 -5.70 41.87
CA ILE D 243 -9.80 -5.70 40.44
C ILE D 243 -10.77 -6.87 40.25
N ILE D 244 -11.70 -6.72 39.32
CA ILE D 244 -12.72 -7.74 39.06
C ILE D 244 -12.33 -8.79 38.04
N ALA D 245 -13.03 -9.92 38.10
CA ALA D 245 -12.87 -11.03 37.16
C ALA D 245 -14.33 -11.22 36.78
N TYR D 246 -14.69 -10.92 35.54
CA TYR D 246 -16.09 -11.04 35.15
C TYR D 246 -16.41 -12.16 34.17
N GLN D 247 -17.50 -12.85 34.49
CA GLN D 247 -17.97 -13.95 33.69
C GLN D 247 -18.99 -13.37 32.73
N PHE D 248 -18.53 -13.02 31.54
CA PHE D 248 -19.39 -12.43 30.53
C PHE D 248 -20.48 -13.39 30.08
N LYS D 249 -21.46 -12.84 29.37
CA LYS D 249 -22.56 -13.61 28.83
C LYS D 249 -22.37 -13.58 27.32
N GLY D 250 -22.60 -14.73 26.69
CA GLY D 250 -22.44 -14.84 25.25
C GLY D 250 -21.46 -15.97 24.96
N LYS D 251 -21.22 -16.23 23.68
CA LYS D 251 -20.32 -17.31 23.29
C LYS D 251 -19.03 -16.76 22.68
N ARG D 252 -17.94 -17.47 22.88
CA ARG D 252 -16.66 -17.05 22.35
C ARG D 252 -16.03 -18.19 21.57
N TYR D 253 -15.72 -17.94 20.30
CA TYR D 253 -15.08 -18.94 19.47
C TYR D 253 -13.62 -18.55 19.43
N ASP D 254 -12.73 -19.52 19.66
CA ASP D 254 -11.30 -19.23 19.65
C ASP D 254 -10.79 -19.27 18.22
N CYS D 255 -10.75 -18.11 17.58
CA CYS D 255 -10.26 -18.03 16.21
C CYS D 255 -8.75 -17.97 16.24
N GLY D 256 -8.18 -18.34 17.38
CA GLY D 256 -6.73 -18.37 17.54
C GLY D 256 -6.21 -19.60 16.81
N SER D 257 -6.96 -20.68 16.90
CA SER D 257 -6.59 -21.94 16.27
C SER D 257 -7.43 -22.11 15.00
N VAL D 258 -6.90 -22.87 14.06
CA VAL D 258 -7.60 -23.13 12.80
C VAL D 258 -8.95 -23.78 13.08
N GLU D 259 -9.01 -24.62 14.11
CA GLU D 259 -10.26 -25.28 14.45
C GLU D 259 -11.33 -24.26 14.81
N GLY D 260 -11.01 -23.37 15.73
CA GLY D 260 -11.97 -22.36 16.16
C GLY D 260 -12.43 -21.48 15.01
N TYR D 261 -11.47 -21.11 14.16
CA TYR D 261 -11.74 -20.28 13.01
C TYR D 261 -12.83 -20.90 12.13
N ILE D 262 -12.66 -22.18 11.78
CA ILE D 262 -13.61 -22.92 10.96
C ILE D 262 -14.96 -22.98 11.67
N GLU D 263 -14.95 -23.47 12.90
CA GLU D 263 -16.14 -23.58 13.72
C GLU D 263 -16.85 -22.24 13.71
N ALA D 264 -16.02 -21.20 13.83
CA ALA D 264 -16.49 -19.82 13.87
C ALA D 264 -17.19 -19.38 12.60
N SER D 265 -16.65 -19.78 11.45
CA SER D 265 -17.23 -19.37 10.18
C SER D 265 -18.53 -20.10 9.89
N ASN D 266 -18.56 -21.40 10.17
CA ASN D 266 -19.77 -22.17 9.92
C ASN D 266 -20.94 -21.56 10.69
N ALA D 267 -20.79 -21.47 12.01
CA ALA D 267 -21.84 -20.91 12.86
C ALA D 267 -22.40 -19.65 12.25
N TYR D 268 -21.50 -18.74 11.88
CA TYR D 268 -21.88 -17.48 11.29
C TYR D 268 -22.50 -17.61 9.90
N TYR D 269 -22.26 -18.72 9.24
CA TYR D 269 -22.86 -18.90 7.93
C TYR D 269 -24.29 -19.29 8.21
N LYS D 270 -24.46 -20.16 9.19
CA LYS D 270 -25.76 -20.64 9.59
C LYS D 270 -26.57 -19.48 10.14
N LYS D 271 -25.91 -18.61 10.89
CA LYS D 271 -26.58 -17.45 11.45
C LYS D 271 -27.34 -16.75 10.32
N ARG D 272 -26.66 -16.60 9.18
CA ARG D 272 -27.29 -15.96 8.03
C ARG D 272 -28.35 -16.85 7.38
N LEU D 273 -29.61 -16.56 7.72
CA LEU D 273 -30.77 -17.27 7.19
C LEU D 273 -32.00 -16.42 7.51
#